data_6L1B
#
_entry.id   6L1B
#
_cell.length_a   58.854
_cell.length_b   148.303
_cell.length_c   63.691
_cell.angle_alpha   90.000
_cell.angle_beta   98.610
_cell.angle_gamma   90.000
#
_symmetry.space_group_name_H-M   'P 1 21 1'
#
loop_
_entity.id
_entity.type
_entity.pdbx_description
1 polymer 'Bifunctional cytochrome P450/NADPH--P450 reductase'
2 non-polymer 'PROTOPORPHYRIN IX CONTAINING FE'
3 non-polymer 'DIMETHYL SULFOXIDE'
4 non-polymer GLYCEROL
5 non-polymer '(2S)-2-[[(2S)-1-(3-cyclopentylpropanoyl)piperidin-2-yl]carbonylamino]-3-phenyl-propanoic acid'
6 water water
#
_entity_poly.entity_id   1
_entity_poly.type   'polypeptide(L)'
_entity_poly.pdbx_seq_one_letter_code
;MTIKEMPQPKTFGELKNLPLLNTDKPVQALMKIADELGEIFKFEAPGRVTRYLSSQRLIKEACDESRFDKNLSQALKFVR
DFAGDGLFTSWTHEKNWKKAHNILLPSFSQQAMKGYHAMMVDIAVQLVQKWERLNADEHIEVPEDMTRLTLDTIGLCGFN
YRFNSFYRDQPHPFITSMVRALDEAMNKLQRANPDDPAYDENKRQFQEDIKVMNDLVDKIIADRKASGEQSDDLLTHMLN
GKDPETGEPLDDENIRYQIITFLIAGHETTSGLLSFALYFLVKNPHVLQKAAEEAARVLVDPVPSYKQVKQLKYVGMVLN
EALRLWPTAPAFSLYAKEDTVLGGEYPLEKGDELMVLIPQLHRDKTIWGDDVEEFRPERFENPSAIPQHAFKPFGNGQRA
CIGQQFALHEATLVLGMMLKHFDFEDHTNYELDIKETLTLKPEGFVVKAKSKKIPL
;
_entity_poly.pdbx_strand_id   A,B
#
# COMPACT_ATOMS: atom_id res chain seq x y z
N ILE A 3 -51.54 9.36 -32.54
CA ILE A 3 -50.94 9.22 -31.17
C ILE A 3 -51.07 7.75 -30.72
N LYS A 4 -49.96 7.13 -30.32
CA LYS A 4 -49.87 5.68 -30.02
C LYS A 4 -49.97 5.46 -28.50
N GLU A 5 -50.34 4.24 -28.10
CA GLU A 5 -50.31 3.79 -26.68
C GLU A 5 -49.00 3.02 -26.43
N MET A 6 -48.35 3.35 -25.31
CA MET A 6 -46.94 3.02 -25.04
C MET A 6 -46.86 1.61 -24.47
N PRO A 7 -45.93 0.73 -24.89
CA PRO A 7 -45.79 -0.55 -24.21
C PRO A 7 -45.36 -0.34 -22.76
N GLN A 8 -45.52 -1.37 -21.97
CA GLN A 8 -45.19 -1.39 -20.54
C GLN A 8 -44.77 -2.81 -20.16
N PRO A 9 -43.66 -2.99 -19.41
CA PRO A 9 -43.25 -4.33 -19.02
C PRO A 9 -44.21 -4.96 -17.99
N LYS A 10 -43.88 -6.17 -17.56
CA LYS A 10 -44.78 -7.00 -16.72
C LYS A 10 -44.97 -6.37 -15.34
N THR A 11 -46.15 -6.57 -14.74
CA THR A 11 -46.54 -5.90 -13.47
C THR A 11 -46.66 -6.94 -12.35
N PHE A 12 -46.76 -6.44 -11.12
CA PHE A 12 -46.75 -7.24 -9.88
C PHE A 12 -47.90 -6.75 -9.01
N GLY A 13 -49.11 -6.69 -9.57
CA GLY A 13 -50.31 -6.23 -8.84
C GLY A 13 -50.12 -4.80 -8.37
N GLU A 14 -50.30 -4.52 -7.08
CA GLU A 14 -50.32 -3.14 -6.52
C GLU A 14 -48.93 -2.50 -6.63
N LEU A 15 -47.86 -3.29 -6.77
CA LEU A 15 -46.49 -2.75 -6.90
C LEU A 15 -46.16 -2.34 -8.36
N LYS A 16 -47.05 -2.62 -9.31
CA LYS A 16 -46.92 -2.21 -10.71
C LYS A 16 -45.59 -2.77 -11.19
N ASN A 17 -44.68 -1.93 -11.71
CA ASN A 17 -43.38 -2.41 -12.28
C ASN A 17 -42.25 -2.39 -11.24
N LEU A 18 -42.48 -1.85 -10.03
CA LEU A 18 -41.40 -1.62 -9.05
C LEU A 18 -40.54 -2.88 -8.83
N PRO A 19 -41.08 -4.13 -8.64
CA PRO A 19 -40.21 -5.28 -8.37
C PRO A 19 -39.21 -5.63 -9.49
N LEU A 20 -39.37 -5.05 -10.68
CA LEU A 20 -38.40 -5.20 -11.79
C LEU A 20 -37.05 -4.60 -11.39
N LEU A 21 -37.02 -3.64 -10.46
CA LEU A 21 -35.77 -3.05 -9.91
C LEU A 21 -35.25 -3.85 -8.73
N ASN A 22 -35.95 -4.92 -8.34
CA ASN A 22 -35.48 -5.82 -7.25
C ASN A 22 -34.40 -6.74 -7.80
N THR A 23 -33.23 -6.19 -8.09
CA THR A 23 -32.09 -6.85 -8.79
C THR A 23 -30.82 -6.07 -8.47
N ASP A 24 -29.66 -6.72 -8.45
CA ASP A 24 -28.41 -5.92 -8.30
C ASP A 24 -27.99 -5.36 -9.67
N LYS A 25 -28.67 -5.68 -10.79
CA LYS A 25 -28.29 -5.16 -12.15
C LYS A 25 -29.48 -4.49 -12.82
N PRO A 26 -30.01 -3.38 -12.27
CA PRO A 26 -31.23 -2.78 -12.81
C PRO A 26 -31.03 -2.13 -14.19
N VAL A 27 -29.88 -1.52 -14.46
CA VAL A 27 -29.61 -0.92 -15.80
C VAL A 27 -29.68 -2.06 -16.82
N GLN A 28 -29.05 -3.20 -16.53
CA GLN A 28 -28.99 -4.32 -17.48
C GLN A 28 -30.39 -4.89 -17.71
N ALA A 29 -31.20 -4.91 -16.64
CA ALA A 29 -32.61 -5.34 -16.72
C ALA A 29 -33.42 -4.39 -17.60
N LEU A 30 -33.28 -3.07 -17.40
CA LEU A 30 -33.97 -2.05 -18.24
C LEU A 30 -33.53 -2.13 -19.70
N MET A 31 -32.26 -2.43 -19.96
CA MET A 31 -31.76 -2.65 -21.35
C MET A 31 -32.47 -3.84 -22.02
N LYS A 32 -32.63 -4.94 -21.31
N LYS A 32 -32.66 -4.93 -21.28
CA LYS A 32 -33.34 -6.13 -21.84
CA LYS A 32 -33.32 -6.16 -21.80
C LYS A 32 -34.78 -5.72 -22.15
C LYS A 32 -34.82 -5.90 -22.02
N ILE A 33 -35.45 -5.03 -21.21
CA ILE A 33 -36.86 -4.60 -21.44
C ILE A 33 -36.91 -3.73 -22.70
N ALA A 34 -35.98 -2.79 -22.88
CA ALA A 34 -35.93 -1.96 -24.10
C ALA A 34 -35.71 -2.85 -25.33
N ASP A 35 -34.88 -3.89 -25.25
CA ASP A 35 -34.67 -4.80 -26.41
C ASP A 35 -36.01 -5.44 -26.81
N GLU A 36 -36.83 -5.78 -25.82
N GLU A 36 -36.81 -5.86 -25.84
CA GLU A 36 -38.12 -6.48 -26.01
CA GLU A 36 -38.16 -6.41 -26.09
C GLU A 36 -39.22 -5.48 -26.43
C GLU A 36 -39.08 -5.33 -26.67
N LEU A 37 -39.23 -4.23 -25.93
CA LEU A 37 -40.37 -3.30 -26.12
C LEU A 37 -40.08 -2.15 -27.10
N GLY A 38 -38.81 -1.81 -27.31
CA GLY A 38 -38.40 -0.81 -28.31
C GLY A 38 -38.18 0.57 -27.72
N GLU A 39 -38.37 1.61 -28.51
CA GLU A 39 -37.73 2.93 -28.29
C GLU A 39 -38.35 3.65 -27.10
N ILE A 40 -39.54 3.25 -26.64
CA ILE A 40 -40.19 3.88 -25.47
C ILE A 40 -41.08 2.87 -24.72
N PHE A 41 -41.00 2.86 -23.40
CA PHE A 41 -41.94 2.09 -22.56
C PHE A 41 -42.24 2.91 -21.31
N LYS A 42 -43.48 2.76 -20.86
CA LYS A 42 -43.98 3.29 -19.59
C LYS A 42 -43.49 2.40 -18.44
N PHE A 43 -43.18 2.98 -17.28
CA PHE A 43 -42.76 2.27 -16.08
C PHE A 43 -43.46 2.91 -14.87
N GLU A 44 -44.20 2.10 -14.11
CA GLU A 44 -45.05 2.61 -13.03
C GLU A 44 -44.63 1.95 -11.73
N ALA A 45 -44.56 2.76 -10.70
CA ALA A 45 -44.48 2.30 -9.30
C ALA A 45 -45.61 3.00 -8.54
N PRO A 46 -45.95 2.55 -7.31
CA PRO A 46 -46.97 3.23 -6.52
C PRO A 46 -46.62 4.73 -6.39
N GLY A 47 -47.47 5.58 -6.95
CA GLY A 47 -47.35 7.06 -6.90
C GLY A 47 -46.38 7.62 -7.95
N ARG A 48 -45.78 6.81 -8.83
CA ARG A 48 -44.71 7.24 -9.80
C ARG A 48 -45.00 6.67 -11.20
N VAL A 49 -44.91 7.52 -12.22
N VAL A 49 -44.82 7.51 -12.24
CA VAL A 49 -44.82 7.09 -13.64
CA VAL A 49 -44.89 7.18 -13.70
C VAL A 49 -43.56 7.74 -14.24
C VAL A 49 -43.69 7.80 -14.44
N THR A 50 -42.86 6.99 -15.09
CA THR A 50 -41.79 7.52 -15.95
C THR A 50 -41.86 6.80 -17.30
N ARG A 51 -41.13 7.31 -18.28
CA ARG A 51 -41.03 6.69 -19.61
C ARG A 51 -39.54 6.53 -19.93
N TYR A 52 -39.13 5.35 -20.37
CA TYR A 52 -37.74 5.02 -20.74
C TYR A 52 -37.57 5.16 -22.23
N LEU A 53 -36.64 6.03 -22.64
CA LEU A 53 -36.33 6.36 -24.05
C LEU A 53 -35.03 5.64 -24.43
N SER A 54 -35.00 5.05 -25.63
CA SER A 54 -33.84 4.29 -26.15
C SER A 54 -33.43 4.71 -27.57
N SER A 55 -34.25 5.42 -28.35
CA SER A 55 -33.92 5.73 -29.76
C SER A 55 -33.36 7.17 -29.85
N GLN A 56 -32.41 7.38 -30.77
CA GLN A 56 -31.92 8.74 -31.10
C GLN A 56 -33.12 9.61 -31.53
N ARG A 57 -34.06 9.06 -32.29
CA ARG A 57 -35.25 9.79 -32.81
C ARG A 57 -35.96 10.51 -31.65
N LEU A 58 -36.19 9.85 -30.52
CA LEU A 58 -36.94 10.46 -29.41
C LEU A 58 -35.99 11.25 -28.48
N ILE A 59 -34.77 10.74 -28.27
CA ILE A 59 -33.84 11.35 -27.28
C ILE A 59 -33.38 12.71 -27.79
N LYS A 60 -33.32 12.90 -29.11
CA LYS A 60 -32.94 14.22 -29.69
C LYS A 60 -34.01 15.24 -29.31
N GLU A 61 -35.29 14.84 -29.29
CA GLU A 61 -36.37 15.73 -28.80
C GLU A 61 -36.23 15.97 -27.30
N ALA A 62 -36.04 14.92 -26.50
CA ALA A 62 -35.84 15.05 -25.02
C ALA A 62 -34.68 16.00 -24.70
N CYS A 63 -33.67 16.12 -25.58
CA CYS A 63 -32.44 16.92 -25.34
C CYS A 63 -32.63 18.38 -25.76
N ASP A 64 -33.84 18.71 -26.23
CA ASP A 64 -34.23 20.10 -26.56
C ASP A 64 -34.52 20.81 -25.25
N GLU A 65 -33.62 21.71 -24.86
CA GLU A 65 -33.64 22.40 -23.56
C GLU A 65 -34.81 23.40 -23.51
N SER A 66 -35.38 23.82 -24.64
CA SER A 66 -36.62 24.66 -24.63
C SER A 66 -37.83 23.83 -24.18
N ARG A 67 -37.78 22.50 -24.24
CA ARG A 67 -38.93 21.60 -24.01
C ARG A 67 -38.80 20.83 -22.70
N PHE A 68 -37.57 20.46 -22.33
CA PHE A 68 -37.27 19.53 -21.22
C PHE A 68 -36.08 20.07 -20.43
N ASP A 69 -36.13 19.92 -19.12
CA ASP A 69 -35.02 20.29 -18.22
C ASP A 69 -34.62 19.04 -17.42
N LYS A 70 -33.43 19.07 -16.81
CA LYS A 70 -32.98 17.98 -15.91
C LYS A 70 -33.96 17.74 -14.75
N ASN A 71 -34.29 16.47 -14.55
CA ASN A 71 -35.09 15.97 -13.42
C ASN A 71 -34.15 15.30 -12.43
N LEU A 72 -34.41 15.44 -11.14
CA LEU A 72 -33.78 14.56 -10.13
C LEU A 72 -34.63 13.29 -10.08
N SER A 73 -34.09 12.22 -10.65
CA SER A 73 -34.61 10.83 -10.56
C SER A 73 -34.71 10.49 -9.08
N GLN A 74 -35.36 9.39 -8.73
CA GLN A 74 -35.37 9.00 -7.29
C GLN A 74 -33.94 8.77 -6.75
N ALA A 75 -33.04 8.16 -7.54
CA ALA A 75 -31.63 7.94 -7.18
C ALA A 75 -30.97 9.28 -6.80
N LEU A 76 -31.09 10.31 -7.66
CA LEU A 76 -30.45 11.63 -7.39
C LEU A 76 -31.04 12.26 -6.14
N LYS A 77 -32.35 12.13 -5.92
CA LYS A 77 -33.00 12.62 -4.68
C LYS A 77 -32.40 11.94 -3.44
N PHE A 78 -32.08 10.64 -3.48
CA PHE A 78 -31.49 9.96 -2.32
C PHE A 78 -30.01 10.39 -2.19
N VAL A 79 -29.29 10.55 -3.30
CA VAL A 79 -27.88 11.04 -3.29
C VAL A 79 -27.85 12.49 -2.75
N ARG A 80 -28.89 13.27 -2.98
CA ARG A 80 -28.96 14.68 -2.49
C ARG A 80 -28.96 14.72 -0.95
N ASP A 81 -29.33 13.63 -0.26
CA ASP A 81 -29.21 13.64 1.23
C ASP A 81 -27.75 13.79 1.65
N PHE A 82 -26.75 13.46 0.81
CA PHE A 82 -25.35 13.80 1.16
C PHE A 82 -24.65 14.69 0.11
N ALA A 83 -25.12 14.81 -1.14
CA ALA A 83 -24.46 15.71 -2.13
C ALA A 83 -25.14 17.07 -2.17
N GLY A 84 -26.26 17.24 -1.47
CA GLY A 84 -26.95 18.52 -1.24
C GLY A 84 -27.29 19.26 -2.51
N ASP A 85 -27.09 20.57 -2.53
CA ASP A 85 -27.29 21.38 -3.76
C ASP A 85 -25.96 21.63 -4.45
N GLY A 86 -25.05 20.64 -4.39
CA GLY A 86 -23.95 20.56 -5.36
C GLY A 86 -24.48 20.48 -6.79
N LEU A 87 -23.60 20.63 -7.76
CA LEU A 87 -24.01 20.78 -9.16
C LEU A 87 -24.83 19.60 -9.65
N PHE A 88 -24.51 18.38 -9.20
CA PHE A 88 -25.04 17.12 -9.78
C PHE A 88 -26.48 16.88 -9.27
N THR A 89 -26.80 17.38 -8.07
CA THR A 89 -28.06 17.05 -7.36
C THR A 89 -28.92 18.30 -7.14
N SER A 90 -28.61 19.39 -7.84
N SER A 90 -28.61 19.35 -7.90
CA SER A 90 -29.42 20.63 -7.78
CA SER A 90 -29.34 20.64 -7.94
C SER A 90 -30.31 20.72 -9.03
C SER A 90 -30.36 20.62 -9.06
N TRP A 91 -31.48 21.30 -8.85
CA TRP A 91 -32.40 21.67 -9.95
C TRP A 91 -31.80 22.90 -10.65
N THR A 92 -32.07 23.05 -11.93
CA THR A 92 -31.58 24.14 -12.79
C THR A 92 -32.01 25.49 -12.24
N HIS A 93 -33.16 25.56 -11.60
CA HIS A 93 -33.81 26.82 -11.14
C HIS A 93 -33.35 27.18 -9.73
N GLU A 94 -32.61 26.30 -9.03
CA GLU A 94 -32.03 26.67 -7.71
C GLU A 94 -30.92 27.67 -7.93
N LYS A 95 -30.89 28.75 -7.16
CA LYS A 95 -29.85 29.80 -7.25
C LYS A 95 -28.44 29.17 -7.22
N ASN A 96 -28.19 28.15 -6.39
CA ASN A 96 -26.83 27.59 -6.21
C ASN A 96 -26.38 26.82 -7.47
N TRP A 97 -27.30 26.38 -8.33
CA TRP A 97 -26.88 25.65 -9.55
C TRP A 97 -26.10 26.63 -10.43
N LYS A 98 -26.74 27.71 -10.86
CA LYS A 98 -26.13 28.60 -11.88
C LYS A 98 -24.92 29.30 -11.25
N LYS A 99 -25.02 29.72 -9.99
CA LYS A 99 -23.90 30.31 -9.24
C LYS A 99 -22.68 29.37 -9.24
N ALA A 100 -22.82 28.12 -8.84
CA ALA A 100 -21.66 27.20 -8.83
C ALA A 100 -21.18 26.91 -10.26
N HIS A 101 -22.09 26.76 -11.21
CA HIS A 101 -21.79 26.50 -12.64
C HIS A 101 -20.92 27.63 -13.20
N ASN A 102 -21.30 28.88 -12.99
CA ASN A 102 -20.50 30.05 -13.48
C ASN A 102 -19.12 30.06 -12.83
N ILE A 103 -19.03 29.77 -11.54
CA ILE A 103 -17.77 29.89 -10.78
C ILE A 103 -16.83 28.76 -11.24
N LEU A 104 -17.34 27.56 -11.47
CA LEU A 104 -16.49 26.36 -11.67
C LEU A 104 -16.20 26.10 -13.15
N LEU A 105 -17.01 26.58 -14.09
CA LEU A 105 -16.78 26.22 -15.52
C LEU A 105 -15.33 26.45 -15.91
N PRO A 106 -14.71 27.62 -15.62
CA PRO A 106 -13.32 27.88 -16.01
C PRO A 106 -12.34 26.88 -15.37
N SER A 107 -12.63 26.36 -14.20
CA SER A 107 -11.78 25.38 -13.48
C SER A 107 -11.78 24.05 -14.22
N PHE A 108 -12.77 23.81 -15.07
CA PHE A 108 -12.97 22.49 -15.73
C PHE A 108 -12.71 22.56 -17.22
N SER A 109 -12.21 23.68 -17.72
CA SER A 109 -12.11 23.88 -19.18
C SER A 109 -10.91 23.07 -19.67
N GLN A 110 -10.81 22.89 -20.99
CA GLN A 110 -9.61 22.23 -21.59
C GLN A 110 -8.37 23.04 -21.23
N GLN A 111 -8.44 24.36 -21.22
CA GLN A 111 -7.27 25.20 -20.83
C GLN A 111 -6.80 24.88 -19.40
N ALA A 112 -7.73 24.67 -18.45
CA ALA A 112 -7.42 24.37 -17.03
C ALA A 112 -6.71 23.01 -16.87
N MET A 113 -6.87 22.09 -17.83
CA MET A 113 -6.22 20.77 -17.80
C MET A 113 -4.68 20.91 -17.81
N LYS A 114 -4.11 21.95 -18.45
CA LYS A 114 -2.65 22.23 -18.40
C LYS A 114 -2.16 22.35 -16.94
N GLY A 115 -2.94 22.98 -16.08
CA GLY A 115 -2.62 23.16 -14.66
C GLY A 115 -2.75 21.88 -13.86
N TYR A 116 -3.67 20.97 -14.20
CA TYR A 116 -3.90 19.72 -13.43
C TYR A 116 -2.95 18.61 -13.89
N HIS A 117 -2.32 18.80 -15.04
CA HIS A 117 -1.54 17.74 -15.71
C HIS A 117 -0.48 17.17 -14.78
N ALA A 118 0.31 18.02 -14.13
CA ALA A 118 1.44 17.53 -13.30
C ALA A 118 0.92 16.58 -12.22
N MET A 119 -0.17 17.00 -11.55
N MET A 119 -0.17 16.93 -11.54
CA MET A 119 -0.80 16.21 -10.46
CA MET A 119 -0.63 16.08 -10.42
C MET A 119 -1.28 14.86 -11.01
C MET A 119 -1.36 14.83 -10.97
N MET A 120 -1.91 14.88 -12.18
CA MET A 120 -2.43 13.63 -12.78
C MET A 120 -1.25 12.70 -13.07
N VAL A 121 -0.14 13.25 -13.58
CA VAL A 121 1.07 12.46 -13.89
C VAL A 121 1.61 11.82 -12.59
N ASP A 122 1.58 12.54 -11.48
CA ASP A 122 2.03 12.01 -10.15
C ASP A 122 1.29 10.68 -9.84
N ILE A 123 -0.03 10.66 -9.96
CA ILE A 123 -0.84 9.44 -9.66
C ILE A 123 -0.58 8.37 -10.73
N ALA A 124 -0.51 8.77 -12.00
CA ALA A 124 -0.36 7.84 -13.14
C ALA A 124 0.95 7.08 -12.95
N VAL A 125 2.00 7.81 -12.63
CA VAL A 125 3.34 7.20 -12.42
C VAL A 125 3.26 6.25 -11.22
N GLN A 126 2.51 6.56 -10.16
CA GLN A 126 2.31 5.57 -9.05
C GLN A 126 1.67 4.26 -9.54
N LEU A 127 0.65 4.34 -10.40
N LEU A 127 0.67 4.33 -10.42
CA LEU A 127 0.04 3.12 -11.03
CA LEU A 127 0.05 3.11 -11.01
C LEU A 127 1.10 2.34 -11.81
C LEU A 127 1.11 2.33 -11.81
N VAL A 128 1.82 2.98 -12.71
CA VAL A 128 2.79 2.27 -13.58
C VAL A 128 3.85 1.60 -12.68
N GLN A 129 4.34 2.33 -11.68
N GLN A 129 4.35 2.32 -11.67
CA GLN A 129 5.34 1.80 -10.71
CA GLN A 129 5.36 1.77 -10.74
C GLN A 129 4.77 0.58 -9.98
C GLN A 129 4.78 0.58 -9.95
N LYS A 130 3.50 0.63 -9.56
CA LYS A 130 2.88 -0.53 -8.91
C LYS A 130 3.02 -1.76 -9.82
N TRP A 131 2.59 -1.61 -11.06
CA TRP A 131 2.54 -2.75 -12.02
C TRP A 131 3.95 -3.21 -12.36
N GLU A 132 4.90 -2.29 -12.48
CA GLU A 132 6.32 -2.65 -12.76
C GLU A 132 6.85 -3.55 -11.64
N ARG A 133 6.30 -3.40 -10.44
CA ARG A 133 6.87 -3.99 -9.21
C ARG A 133 6.17 -5.30 -8.87
N LEU A 134 5.22 -5.74 -9.70
CA LEU A 134 4.53 -7.01 -9.42
C LEU A 134 5.50 -8.14 -9.78
N ASN A 135 5.37 -9.26 -9.09
CA ASN A 135 6.13 -10.50 -9.40
C ASN A 135 5.45 -11.26 -10.55
N ALA A 136 6.19 -12.18 -11.18
CA ALA A 136 5.75 -12.93 -12.38
C ALA A 136 4.46 -13.73 -12.09
N ASP A 137 4.24 -14.25 -10.87
CA ASP A 137 3.05 -15.10 -10.57
C ASP A 137 1.77 -14.30 -10.24
N GLU A 138 1.84 -12.97 -10.34
N GLU A 138 1.82 -12.97 -10.26
CA GLU A 138 0.76 -12.09 -9.83
CA GLU A 138 0.70 -12.13 -9.77
C GLU A 138 -0.20 -11.74 -10.97
C GLU A 138 -0.04 -11.48 -10.94
N HIS A 139 -1.23 -11.00 -10.64
CA HIS A 139 -2.09 -10.38 -11.65
C HIS A 139 -2.49 -9.00 -11.14
N ILE A 140 -3.24 -8.30 -11.99
CA ILE A 140 -3.77 -6.93 -11.73
C ILE A 140 -5.29 -7.05 -11.51
N GLU A 141 -5.78 -6.46 -10.42
CA GLU A 141 -7.24 -6.32 -10.19
C GLU A 141 -7.61 -4.97 -10.81
N VAL A 142 -8.19 -4.99 -12.01
CA VAL A 142 -8.24 -3.79 -12.90
C VAL A 142 -9.12 -2.70 -12.31
N PRO A 143 -10.41 -2.90 -12.05
CA PRO A 143 -11.22 -1.79 -11.55
C PRO A 143 -10.74 -1.33 -10.16
N GLU A 144 -10.18 -2.25 -9.34
CA GLU A 144 -9.61 -1.88 -8.02
C GLU A 144 -8.49 -0.88 -8.22
N ASP A 145 -7.54 -1.20 -9.09
CA ASP A 145 -6.43 -0.27 -9.39
C ASP A 145 -6.93 1.01 -10.08
N MET A 146 -7.87 0.94 -11.03
CA MET A 146 -8.32 2.17 -11.72
C MET A 146 -9.01 3.09 -10.70
N THR A 147 -9.74 2.52 -9.75
CA THR A 147 -10.45 3.30 -8.70
C THR A 147 -9.42 3.95 -7.78
N ARG A 148 -8.32 3.26 -7.46
CA ARG A 148 -7.24 3.84 -6.63
C ARG A 148 -6.74 5.09 -7.35
N LEU A 149 -6.49 4.99 -8.65
CA LEU A 149 -5.93 6.09 -9.45
C LEU A 149 -6.92 7.27 -9.50
N THR A 150 -8.19 7.01 -9.85
CA THR A 150 -9.12 8.13 -10.14
C THR A 150 -9.49 8.83 -8.84
N LEU A 151 -9.61 8.08 -7.74
CA LEU A 151 -9.87 8.70 -6.43
C LEU A 151 -8.70 9.61 -6.11
N ASP A 152 -7.46 9.12 -6.25
CA ASP A 152 -6.29 9.89 -5.82
C ASP A 152 -6.16 11.12 -6.70
N THR A 153 -6.45 11.01 -7.98
CA THR A 153 -6.30 12.18 -8.88
C THR A 153 -7.26 13.31 -8.45
N ILE A 154 -8.51 12.98 -8.15
CA ILE A 154 -9.51 14.04 -7.80
C ILE A 154 -9.13 14.61 -6.42
N GLY A 155 -8.62 13.78 -5.52
CA GLY A 155 -8.19 14.25 -4.21
C GLY A 155 -7.12 15.31 -4.33
N LEU A 156 -6.14 15.07 -5.21
N LEU A 156 -6.10 15.03 -5.14
CA LEU A 156 -4.94 15.93 -5.33
CA LEU A 156 -4.97 15.97 -5.37
C LEU A 156 -5.29 17.19 -6.17
C LEU A 156 -5.50 17.23 -6.06
N CYS A 157 -6.08 17.06 -7.24
CA CYS A 157 -6.57 18.19 -8.08
C CYS A 157 -7.71 18.93 -7.41
N GLY A 158 -8.53 18.23 -6.65
CA GLY A 158 -9.70 18.82 -5.99
C GLY A 158 -9.28 19.69 -4.82
N PHE A 159 -8.40 19.20 -3.95
CA PHE A 159 -8.13 19.89 -2.66
C PHE A 159 -6.75 19.58 -2.09
N ASN A 160 -5.78 19.25 -2.95
CA ASN A 160 -4.36 19.00 -2.57
C ASN A 160 -4.31 18.01 -1.38
N TYR A 161 -5.12 16.97 -1.41
CA TYR A 161 -5.21 15.91 -0.38
C TYR A 161 -4.76 14.59 -0.98
N ARG A 162 -3.89 13.87 -0.28
CA ARG A 162 -3.41 12.54 -0.79
C ARG A 162 -4.18 11.43 -0.09
N PHE A 163 -5.07 10.76 -0.81
CA PHE A 163 -5.73 9.54 -0.28
C PHE A 163 -4.71 8.39 -0.14
N ASN A 164 -3.62 8.44 -0.90
CA ASN A 164 -2.51 7.42 -0.83
C ASN A 164 -3.10 6.03 -0.98
N SER A 165 -3.98 5.88 -1.98
N SER A 165 -4.00 5.88 -1.96
CA SER A 165 -4.76 4.64 -2.24
CA SER A 165 -4.76 4.63 -2.22
C SER A 165 -3.82 3.48 -2.65
C SER A 165 -3.81 3.48 -2.60
N PHE A 166 -2.64 3.79 -3.19
CA PHE A 166 -1.68 2.74 -3.61
C PHE A 166 -0.89 2.24 -2.40
N TYR A 167 -1.07 2.83 -1.22
CA TYR A 167 -0.39 2.45 0.04
C TYR A 167 -1.31 1.61 0.93
N ARG A 168 -2.52 1.32 0.49
CA ARG A 168 -3.62 0.78 1.35
C ARG A 168 -4.33 -0.35 0.62
N ASP A 169 -4.82 -1.35 1.38
CA ASP A 169 -5.86 -2.32 0.94
C ASP A 169 -7.23 -1.82 1.42
N GLN A 170 -7.27 -1.15 2.57
CA GLN A 170 -8.51 -0.72 3.26
C GLN A 170 -8.77 0.76 3.01
N PRO A 171 -10.00 1.15 2.61
CA PRO A 171 -10.26 2.51 2.19
C PRO A 171 -10.06 3.54 3.31
N HIS A 172 -9.85 4.78 2.92
CA HIS A 172 -9.93 5.97 3.79
C HIS A 172 -11.30 5.96 4.48
N PRO A 173 -11.39 6.37 5.78
CA PRO A 173 -12.67 6.54 6.49
C PRO A 173 -13.77 7.27 5.70
N PHE A 174 -13.41 8.38 5.03
CA PHE A 174 -14.34 9.14 4.17
C PHE A 174 -14.94 8.22 3.10
N ILE A 175 -14.13 7.38 2.47
CA ILE A 175 -14.57 6.55 1.30
C ILE A 175 -15.41 5.37 1.80
N THR A 176 -15.09 4.84 2.98
CA THR A 176 -15.95 3.80 3.61
C THR A 176 -17.36 4.33 3.72
N SER A 177 -17.54 5.54 4.24
CA SER A 177 -18.87 6.15 4.45
C SER A 177 -19.48 6.55 3.09
N MET A 178 -18.70 7.05 2.16
CA MET A 178 -19.23 7.48 0.84
C MET A 178 -19.78 6.25 0.12
N VAL A 179 -18.98 5.20 0.05
CA VAL A 179 -19.39 3.95 -0.66
C VAL A 179 -20.66 3.39 0.01
N ARG A 180 -20.71 3.37 1.33
CA ARG A 180 -21.86 2.77 2.05
C ARG A 180 -23.10 3.69 1.90
N ALA A 181 -22.94 5.01 1.86
CA ALA A 181 -24.08 5.93 1.62
C ALA A 181 -24.60 5.72 0.20
N LEU A 182 -23.71 5.65 -0.80
CA LEU A 182 -24.10 5.41 -2.21
C LEU A 182 -24.85 4.08 -2.30
N ASP A 183 -24.40 3.06 -1.59
CA ASP A 183 -25.03 1.72 -1.61
C ASP A 183 -26.45 1.85 -1.02
N GLU A 184 -26.58 2.53 0.10
CA GLU A 184 -27.91 2.71 0.73
C GLU A 184 -28.81 3.48 -0.23
N ALA A 185 -28.33 4.57 -0.85
CA ALA A 185 -29.16 5.36 -1.80
C ALA A 185 -29.68 4.46 -2.91
N MET A 186 -28.83 3.62 -3.51
N MET A 186 -28.84 3.61 -3.51
CA MET A 186 -29.23 2.75 -4.64
CA MET A 186 -29.25 2.77 -4.66
C MET A 186 -30.17 1.65 -4.12
C MET A 186 -30.11 1.59 -4.18
N ASN A 187 -29.88 1.10 -2.95
CA ASN A 187 -30.67 -0.02 -2.35
C ASN A 187 -32.09 0.49 -2.07
N LYS A 188 -32.26 1.77 -1.69
CA LYS A 188 -33.60 2.30 -1.30
C LYS A 188 -34.52 2.41 -2.52
N LEU A 189 -33.99 2.39 -3.75
CA LEU A 189 -34.83 2.48 -4.98
C LEU A 189 -35.86 1.36 -4.98
N GLN A 190 -35.45 0.16 -4.63
CA GLN A 190 -36.27 -1.04 -4.93
C GLN A 190 -37.27 -1.30 -3.80
N ARG A 191 -37.05 -0.70 -2.61
CA ARG A 191 -37.84 -1.00 -1.37
C ARG A 191 -39.31 -0.57 -1.49
N ALA A 192 -40.19 -1.59 -1.46
CA ALA A 192 -41.66 -1.48 -1.47
C ALA A 192 -42.14 -0.86 -0.14
N ASN A 193 -41.59 -1.29 1.00
CA ASN A 193 -42.03 -0.84 2.35
C ASN A 193 -40.84 -0.23 3.09
N PRO A 194 -40.41 0.99 2.70
CA PRO A 194 -39.19 1.60 3.27
C PRO A 194 -39.31 2.01 4.74
N ASP A 195 -40.53 2.01 5.29
CA ASP A 195 -40.82 2.42 6.69
C ASP A 195 -40.77 1.22 7.63
N ASP A 196 -40.60 0.01 7.11
CA ASP A 196 -40.60 -1.24 7.92
C ASP A 196 -39.39 -1.19 8.86
N PRO A 197 -39.54 -1.53 10.16
CA PRO A 197 -38.43 -1.42 11.11
C PRO A 197 -37.20 -2.28 10.76
N ALA A 198 -37.29 -3.19 9.79
CA ALA A 198 -36.13 -3.95 9.27
C ALA A 198 -35.07 -2.99 8.70
N TYR A 199 -35.45 -1.78 8.31
CA TYR A 199 -34.54 -0.78 7.67
C TYR A 199 -34.10 0.29 8.69
N ASP A 200 -34.43 0.14 9.98
CA ASP A 200 -34.01 1.12 11.01
C ASP A 200 -32.48 1.21 11.05
N GLU A 201 -31.78 0.07 11.00
CA GLU A 201 -30.30 0.04 11.13
C GLU A 201 -29.69 0.76 9.91
N ASN A 202 -30.14 0.41 8.70
CA ASN A 202 -29.74 1.08 7.44
C ASN A 202 -29.88 2.61 7.61
N LYS A 203 -31.04 3.09 8.09
CA LYS A 203 -31.32 4.54 8.32
C LYS A 203 -30.30 5.09 9.31
N ARG A 204 -30.07 4.39 10.43
CA ARG A 204 -29.13 4.89 11.46
C ARG A 204 -27.75 5.01 10.81
N GLN A 205 -27.28 3.94 10.16
CA GLN A 205 -25.94 3.89 9.52
C GLN A 205 -25.78 5.00 8.45
N PHE A 206 -26.83 5.25 7.69
CA PHE A 206 -26.87 6.31 6.65
C PHE A 206 -26.61 7.68 7.29
N GLN A 207 -27.26 7.98 8.42
CA GLN A 207 -27.13 9.31 9.08
C GLN A 207 -25.69 9.44 9.60
N GLU A 208 -25.12 8.34 10.11
CA GLU A 208 -23.72 8.31 10.62
C GLU A 208 -22.72 8.58 9.49
N ASP A 209 -22.94 7.97 8.32
CA ASP A 209 -22.07 8.12 7.12
C ASP A 209 -22.16 9.57 6.58
N ILE A 210 -23.35 10.16 6.56
CA ILE A 210 -23.53 11.59 6.19
C ILE A 210 -22.71 12.46 7.13
N LYS A 211 -22.73 12.16 8.44
CA LYS A 211 -22.01 12.93 9.48
C LYS A 211 -20.50 12.85 9.21
N VAL A 212 -19.98 11.65 8.96
CA VAL A 212 -18.54 11.40 8.70
C VAL A 212 -18.10 12.26 7.52
N MET A 213 -18.83 12.20 6.41
CA MET A 213 -18.45 12.90 5.16
C MET A 213 -18.46 14.39 5.45
N ASN A 214 -19.51 14.89 6.13
CA ASN A 214 -19.74 16.32 6.43
C ASN A 214 -18.59 16.83 7.32
N ASP A 215 -18.34 16.09 8.41
CA ASP A 215 -17.29 16.42 9.42
C ASP A 215 -15.93 16.48 8.73
N LEU A 216 -15.54 15.50 7.92
CA LEU A 216 -14.19 15.46 7.31
C LEU A 216 -14.01 16.54 6.22
N VAL A 217 -15.03 16.80 5.38
CA VAL A 217 -14.86 17.80 4.30
C VAL A 217 -14.90 19.19 4.95
N ASP A 218 -15.76 19.38 5.94
CA ASP A 218 -15.92 20.71 6.62
C ASP A 218 -14.55 21.09 7.19
N LYS A 219 -13.82 20.09 7.71
CA LYS A 219 -12.47 20.27 8.35
C LYS A 219 -11.45 20.66 7.28
N ILE A 220 -11.44 20.00 6.14
CA ILE A 220 -10.52 20.33 5.01
C ILE A 220 -10.77 21.79 4.64
N ILE A 221 -12.03 22.20 4.55
CA ILE A 221 -12.33 23.59 4.12
C ILE A 221 -11.88 24.58 5.21
N ALA A 222 -12.23 24.33 6.46
CA ALA A 222 -11.83 25.22 7.60
C ALA A 222 -10.29 25.35 7.66
N ASP A 223 -9.57 24.24 7.51
CA ASP A 223 -8.09 24.18 7.51
C ASP A 223 -7.52 25.01 6.37
N ARG A 224 -8.14 24.96 5.18
CA ARG A 224 -7.61 25.77 4.04
C ARG A 224 -7.82 27.25 4.32
N LYS A 225 -8.99 27.64 4.77
CA LYS A 225 -9.33 29.07 5.01
C LYS A 225 -8.34 29.67 6.02
N ALA A 226 -7.99 28.90 7.04
CA ALA A 226 -7.07 29.29 8.13
C ALA A 226 -5.66 29.55 7.57
N SER A 227 -5.16 28.66 6.69
CA SER A 227 -3.73 28.66 6.27
C SER A 227 -3.49 29.78 5.27
N GLY A 228 -4.53 30.26 4.59
CA GLY A 228 -4.38 31.25 3.51
C GLY A 228 -3.65 30.69 2.31
N GLU A 229 -3.44 29.36 2.22
CA GLU A 229 -2.62 28.74 1.15
C GLU A 229 -3.37 28.82 -0.17
N GLN A 230 -2.68 29.19 -1.25
CA GLN A 230 -3.30 29.50 -2.57
C GLN A 230 -2.89 28.45 -3.59
N SER A 231 -2.99 27.17 -3.23
N SER A 231 -2.98 27.16 -3.23
CA SER A 231 -2.66 26.01 -4.08
CA SER A 231 -2.62 26.02 -4.10
C SER A 231 -3.60 26.00 -5.29
C SER A 231 -3.59 25.98 -5.28
N ASP A 232 -3.12 25.59 -6.47
CA ASP A 232 -3.89 25.65 -7.73
C ASP A 232 -4.79 24.41 -7.80
N ASP A 233 -5.87 24.44 -7.01
CA ASP A 233 -6.83 23.32 -6.95
C ASP A 233 -8.25 23.88 -6.92
N LEU A 234 -9.24 23.01 -7.02
CA LEU A 234 -10.67 23.40 -7.08
C LEU A 234 -11.08 24.10 -5.79
N LEU A 235 -10.54 23.66 -4.65
CA LEU A 235 -10.87 24.31 -3.36
C LEU A 235 -10.46 25.80 -3.35
N THR A 236 -9.25 26.12 -3.75
CA THR A 236 -8.82 27.54 -3.90
C THR A 236 -9.77 28.29 -4.85
N HIS A 237 -10.07 27.73 -6.02
CA HIS A 237 -10.95 28.40 -7.01
C HIS A 237 -12.29 28.69 -6.32
N MET A 238 -12.81 27.74 -5.52
CA MET A 238 -14.15 27.91 -4.93
C MET A 238 -14.09 28.90 -3.77
N LEU A 239 -12.99 28.95 -3.02
CA LEU A 239 -12.82 29.96 -1.95
C LEU A 239 -12.57 31.34 -2.56
N ASN A 240 -12.00 31.47 -3.74
CA ASN A 240 -11.66 32.83 -4.27
C ASN A 240 -12.67 33.30 -5.31
N GLY A 241 -13.50 32.41 -5.85
CA GLY A 241 -14.29 32.73 -7.06
C GLY A 241 -15.51 33.55 -6.70
N LYS A 242 -15.93 34.40 -7.62
N LYS A 242 -15.94 34.39 -7.62
CA LYS A 242 -17.18 35.20 -7.56
CA LYS A 242 -17.21 35.14 -7.53
C LYS A 242 -17.99 34.91 -8.83
C LYS A 242 -17.99 34.89 -8.82
N ASP A 243 -19.29 34.62 -8.68
CA ASP A 243 -20.22 34.47 -9.81
C ASP A 243 -20.33 35.84 -10.43
N PRO A 244 -20.01 36.01 -11.71
CA PRO A 244 -20.22 37.32 -12.35
C PRO A 244 -21.68 37.78 -12.42
N GLU A 245 -22.65 36.86 -12.40
N GLU A 245 -22.65 36.86 -12.38
CA GLU A 245 -24.10 37.19 -12.40
CA GLU A 245 -24.11 37.17 -12.42
C GLU A 245 -24.47 37.82 -11.04
C GLU A 245 -24.54 37.79 -11.07
N THR A 246 -24.43 37.04 -9.96
CA THR A 246 -24.87 37.48 -8.61
C THR A 246 -23.77 38.32 -7.93
N GLY A 247 -22.52 38.23 -8.39
CA GLY A 247 -21.36 38.87 -7.75
C GLY A 247 -21.00 38.18 -6.45
N GLU A 248 -21.63 37.03 -6.14
CA GLU A 248 -21.43 36.33 -4.85
C GLU A 248 -20.49 35.14 -4.99
N PRO A 249 -19.72 34.81 -3.92
CA PRO A 249 -18.97 33.56 -3.84
C PRO A 249 -19.87 32.43 -3.34
N LEU A 250 -19.44 31.18 -3.49
CA LEU A 250 -20.11 30.05 -2.82
C LEU A 250 -19.90 30.14 -1.30
N ASP A 251 -20.88 29.69 -0.53
CA ASP A 251 -20.69 29.58 0.94
C ASP A 251 -20.06 28.23 1.25
N ASP A 252 -19.59 28.07 2.49
CA ASP A 252 -18.79 26.89 2.93
C ASP A 252 -19.64 25.62 2.83
N GLU A 253 -20.93 25.71 3.11
CA GLU A 253 -21.80 24.51 3.01
C GLU A 253 -21.85 24.01 1.54
N ASN A 254 -22.05 24.90 0.57
CA ASN A 254 -22.14 24.55 -0.86
C ASN A 254 -20.76 24.03 -1.36
N ILE A 255 -19.66 24.66 -0.92
CA ILE A 255 -18.30 24.15 -1.22
C ILE A 255 -18.18 22.68 -0.77
N ARG A 256 -18.65 22.38 0.43
CA ARG A 256 -18.60 21.00 0.96
C ARG A 256 -19.38 20.07 0.00
N TYR A 257 -20.58 20.47 -0.41
CA TYR A 257 -21.38 19.65 -1.37
C TYR A 257 -20.64 19.48 -2.69
N GLN A 258 -19.97 20.52 -3.23
CA GLN A 258 -19.22 20.39 -4.50
C GLN A 258 -18.11 19.33 -4.29
N ILE A 259 -17.38 19.42 -3.20
CA ILE A 259 -16.24 18.49 -2.94
C ILE A 259 -16.77 17.06 -2.82
N ILE A 260 -17.83 16.84 -2.05
CA ILE A 260 -18.43 15.48 -1.96
C ILE A 260 -18.82 15.00 -3.39
N THR A 261 -19.44 15.90 -4.16
CA THR A 261 -19.88 15.56 -5.54
C THR A 261 -18.67 15.13 -6.38
N PHE A 262 -17.55 15.87 -6.32
CA PHE A 262 -16.35 15.56 -7.14
C PHE A 262 -15.73 14.22 -6.69
N LEU A 263 -15.80 13.92 -5.41
CA LEU A 263 -15.22 12.67 -4.86
C LEU A 263 -16.10 11.49 -5.28
N ILE A 264 -17.42 11.67 -5.33
CA ILE A 264 -18.32 10.62 -5.90
C ILE A 264 -17.85 10.35 -7.33
N ALA A 265 -17.76 11.39 -8.14
CA ALA A 265 -17.50 11.26 -9.59
C ALA A 265 -16.10 10.64 -9.78
N GLY A 266 -15.14 11.10 -9.00
CA GLY A 266 -13.74 10.66 -9.14
C GLY A 266 -13.57 9.19 -8.81
N HIS A 267 -14.37 8.67 -7.88
CA HIS A 267 -14.41 7.25 -7.45
C HIS A 267 -15.22 6.35 -8.41
N GLU A 268 -16.31 6.87 -8.95
CA GLU A 268 -17.37 6.04 -9.57
C GLU A 268 -17.16 5.96 -11.09
N THR A 269 -16.90 7.07 -11.81
CA THR A 269 -17.17 7.16 -13.26
C THR A 269 -15.93 6.89 -14.07
N THR A 270 -14.85 7.65 -13.83
CA THR A 270 -13.67 7.61 -14.69
C THR A 270 -13.07 6.23 -14.54
N SER A 271 -13.14 5.61 -13.35
CA SER A 271 -12.47 4.31 -13.14
C SER A 271 -13.19 3.23 -13.94
N GLY A 272 -14.51 3.25 -13.97
CA GLY A 272 -15.30 2.40 -14.86
C GLY A 272 -14.87 2.55 -16.32
N LEU A 273 -14.76 3.77 -16.82
CA LEU A 273 -14.33 4.00 -18.22
C LEU A 273 -12.99 3.31 -18.47
N LEU A 274 -12.01 3.52 -17.60
CA LEU A 274 -10.65 2.94 -17.80
C LEU A 274 -10.77 1.42 -17.77
N SER A 275 -11.60 0.87 -16.89
CA SER A 275 -11.72 -0.61 -16.73
C SER A 275 -12.36 -1.20 -18.00
N PHE A 276 -13.40 -0.56 -18.51
CA PHE A 276 -14.05 -1.06 -19.75
C PHE A 276 -13.10 -0.90 -20.94
N ALA A 277 -12.39 0.22 -21.02
CA ALA A 277 -11.46 0.44 -22.14
C ALA A 277 -10.43 -0.72 -22.14
N LEU A 278 -9.86 -1.05 -20.98
CA LEU A 278 -8.81 -2.11 -20.96
C LEU A 278 -9.46 -3.45 -21.26
N TYR A 279 -10.67 -3.69 -20.77
CA TYR A 279 -11.47 -4.89 -21.11
C TYR A 279 -11.54 -5.04 -22.66
N PHE A 280 -12.04 -4.03 -23.33
CA PHE A 280 -12.27 -4.10 -24.79
C PHE A 280 -10.95 -4.30 -25.53
N LEU A 281 -9.87 -3.67 -25.05
CA LEU A 281 -8.55 -3.80 -25.71
C LEU A 281 -8.05 -5.24 -25.60
N VAL A 282 -8.14 -5.87 -24.42
CA VAL A 282 -7.61 -7.25 -24.30
C VAL A 282 -8.55 -8.20 -25.07
N LYS A 283 -9.83 -7.88 -25.29
CA LYS A 283 -10.74 -8.75 -26.06
C LYS A 283 -10.57 -8.48 -27.57
N ASN A 284 -9.82 -7.45 -27.95
CA ASN A 284 -9.68 -7.02 -29.38
C ASN A 284 -8.21 -6.67 -29.64
N PRO A 285 -7.35 -7.69 -29.69
CA PRO A 285 -5.91 -7.49 -29.73
C PRO A 285 -5.44 -6.69 -30.95
N HIS A 286 -6.20 -6.68 -32.05
CA HIS A 286 -5.81 -5.85 -33.24
C HIS A 286 -5.93 -4.38 -32.85
N VAL A 287 -6.94 -4.08 -32.06
CA VAL A 287 -7.22 -2.69 -31.61
C VAL A 287 -6.18 -2.31 -30.56
N LEU A 288 -5.84 -3.22 -29.66
N LEU A 288 -5.84 -3.20 -29.64
CA LEU A 288 -4.81 -3.01 -28.62
CA LEU A 288 -4.81 -2.93 -28.63
C LEU A 288 -3.45 -2.69 -29.27
C LEU A 288 -3.50 -2.60 -29.36
N GLN A 289 -3.13 -3.33 -30.40
CA GLN A 289 -1.85 -3.07 -31.12
C GLN A 289 -1.91 -1.69 -31.75
N LYS A 290 -3.04 -1.25 -32.31
CA LYS A 290 -3.13 0.09 -32.94
C LYS A 290 -2.90 1.11 -31.84
N ALA A 291 -3.54 0.92 -30.69
CA ALA A 291 -3.45 1.92 -29.59
C ALA A 291 -2.03 1.89 -28.99
N ALA A 292 -1.41 0.72 -28.84
CA ALA A 292 -0.05 0.54 -28.29
C ALA A 292 0.97 1.17 -29.26
N GLU A 293 0.74 1.04 -30.58
CA GLU A 293 1.66 1.69 -31.57
C GLU A 293 1.60 3.21 -31.41
N GLU A 294 0.42 3.79 -31.30
CA GLU A 294 0.29 5.25 -31.10
C GLU A 294 0.97 5.66 -29.79
N ALA A 295 0.75 4.94 -28.69
CA ALA A 295 1.35 5.32 -27.39
C ALA A 295 2.87 5.34 -27.49
N ALA A 296 3.47 4.32 -28.10
CA ALA A 296 4.93 4.20 -28.27
C ALA A 296 5.47 5.33 -29.16
N ARG A 297 4.74 5.71 -30.19
CA ARG A 297 5.22 6.71 -31.15
C ARG A 297 5.12 8.09 -30.51
N VAL A 298 4.04 8.36 -29.79
CA VAL A 298 3.71 9.73 -29.30
C VAL A 298 4.39 10.02 -27.96
N LEU A 299 4.38 9.07 -27.04
CA LEU A 299 4.91 9.29 -25.66
C LEU A 299 6.42 8.99 -25.60
N VAL A 300 7.24 9.88 -26.15
CA VAL A 300 8.71 9.67 -26.37
C VAL A 300 9.52 10.07 -25.12
N ASP A 301 8.88 10.70 -24.13
CA ASP A 301 9.57 11.18 -22.90
C ASP A 301 9.16 10.31 -21.73
N PRO A 302 10.04 10.18 -20.73
CA PRO A 302 9.74 9.39 -19.55
C PRO A 302 8.44 9.83 -18.84
N VAL A 303 8.19 11.16 -18.80
CA VAL A 303 6.95 11.79 -18.24
C VAL A 303 6.16 12.35 -19.41
N PRO A 304 4.93 11.91 -19.69
CA PRO A 304 4.14 12.54 -20.73
C PRO A 304 3.86 14.01 -20.43
N SER A 305 3.90 14.82 -21.47
CA SER A 305 3.52 16.25 -21.44
C SER A 305 2.03 16.41 -21.75
N TYR A 306 1.45 17.55 -21.37
CA TYR A 306 0.08 17.93 -21.78
C TYR A 306 -0.10 17.79 -23.30
N LYS A 307 0.85 18.36 -24.06
N LYS A 307 0.83 18.35 -24.09
CA LYS A 307 0.87 18.37 -25.54
CA LYS A 307 0.72 18.35 -25.58
C LYS A 307 0.77 16.93 -26.08
C LYS A 307 0.77 16.91 -26.13
N GLN A 308 1.57 16.03 -25.53
CA GLN A 308 1.62 14.60 -25.97
C GLN A 308 0.26 13.93 -25.74
N VAL A 309 -0.36 14.15 -24.59
CA VAL A 309 -1.70 13.55 -24.29
C VAL A 309 -2.68 14.00 -25.36
N LYS A 310 -2.66 15.28 -25.76
CA LYS A 310 -3.59 15.82 -26.80
C LYS A 310 -3.37 15.12 -28.15
N GLN A 311 -2.21 14.55 -28.39
CA GLN A 311 -1.83 13.90 -29.69
C GLN A 311 -2.30 12.43 -29.70
N LEU A 312 -2.80 11.89 -28.59
CA LEU A 312 -3.16 10.44 -28.53
C LEU A 312 -4.58 10.27 -29.09
N LYS A 313 -4.74 10.51 -30.38
CA LYS A 313 -6.07 10.51 -31.01
C LYS A 313 -6.70 9.11 -30.88
N TYR A 314 -5.96 8.07 -31.21
CA TYR A 314 -6.56 6.73 -31.30
C TYR A 314 -6.94 6.27 -29.89
N VAL A 315 -6.12 6.62 -28.89
CA VAL A 315 -6.48 6.34 -27.48
C VAL A 315 -7.79 7.02 -27.16
N GLY A 316 -7.95 8.28 -27.56
CA GLY A 316 -9.24 9.00 -27.36
C GLY A 316 -10.42 8.28 -28.03
N MET A 317 -10.21 7.76 -29.26
CA MET A 317 -11.25 6.96 -29.97
C MET A 317 -11.59 5.67 -29.20
N VAL A 318 -10.60 4.96 -28.67
CA VAL A 318 -10.83 3.75 -27.83
C VAL A 318 -11.71 4.19 -26.66
N LEU A 319 -11.37 5.30 -25.99
CA LEU A 319 -12.16 5.71 -24.81
C LEU A 319 -13.60 6.03 -25.22
N ASN A 320 -13.81 6.72 -26.35
CA ASN A 320 -15.18 7.06 -26.82
C ASN A 320 -15.95 5.78 -27.18
N GLU A 321 -15.29 4.76 -27.72
CA GLU A 321 -15.98 3.52 -28.14
C GLU A 321 -16.30 2.72 -26.89
N ALA A 322 -15.47 2.78 -25.83
CA ALA A 322 -15.81 2.19 -24.52
C ALA A 322 -17.04 2.90 -23.94
N LEU A 323 -17.07 4.24 -24.02
CA LEU A 323 -18.26 5.01 -23.55
C LEU A 323 -19.49 4.66 -24.38
N ARG A 324 -19.33 4.36 -25.68
CA ARG A 324 -20.51 4.04 -26.50
C ARG A 324 -21.14 2.76 -25.90
N LEU A 325 -20.34 1.71 -25.79
CA LEU A 325 -20.88 0.40 -25.39
C LEU A 325 -21.31 0.40 -23.93
N TRP A 326 -20.55 1.00 -23.00
CA TRP A 326 -20.85 0.91 -21.55
C TRP A 326 -20.61 2.30 -20.93
N PRO A 327 -21.55 3.22 -21.24
CA PRO A 327 -21.50 4.56 -20.65
C PRO A 327 -21.61 4.34 -19.14
N THR A 328 -20.57 4.70 -18.37
N THR A 328 -20.54 4.69 -18.43
CA THR A 328 -20.44 4.24 -16.96
CA THR A 328 -20.33 4.34 -17.00
C THR A 328 -21.40 5.04 -16.06
C THR A 328 -21.50 4.93 -16.21
N ALA A 329 -21.94 6.15 -16.55
CA ALA A 329 -23.06 6.83 -15.86
C ALA A 329 -24.28 6.68 -16.75
N PRO A 330 -25.04 5.57 -16.65
CA PRO A 330 -25.80 5.09 -17.80
C PRO A 330 -27.21 5.66 -18.01
N ALA A 331 -27.66 6.60 -17.18
CA ALA A 331 -29.03 7.15 -17.29
C ALA A 331 -29.03 8.61 -16.85
N PHE A 332 -29.93 9.41 -17.43
CA PHE A 332 -30.30 10.72 -16.83
C PHE A 332 -31.80 10.88 -17.04
N SER A 333 -32.36 11.82 -16.32
CA SER A 333 -33.82 12.04 -16.29
C SER A 333 -34.15 13.47 -16.69
N LEU A 334 -35.31 13.67 -17.33
CA LEU A 334 -35.79 14.99 -17.79
C LEU A 334 -37.26 15.13 -17.37
N TYR A 335 -37.74 16.37 -17.27
CA TYR A 335 -39.19 16.63 -17.15
C TYR A 335 -39.59 17.63 -18.24
N ALA A 336 -40.85 17.52 -18.68
CA ALA A 336 -41.44 18.45 -19.67
C ALA A 336 -41.69 19.81 -18.98
N LYS A 337 -41.12 20.85 -19.56
CA LYS A 337 -41.31 22.27 -19.14
C LYS A 337 -42.76 22.70 -19.39
N GLU A 338 -43.37 22.20 -20.45
CA GLU A 338 -44.77 22.56 -20.85
C GLU A 338 -45.39 21.31 -21.50
N ASP A 339 -46.72 21.31 -21.64
CA ASP A 339 -47.42 20.27 -22.45
C ASP A 339 -46.72 20.20 -23.80
N THR A 340 -46.49 18.99 -24.29
CA THR A 340 -45.74 18.79 -25.55
C THR A 340 -46.01 17.40 -26.11
N VAL A 341 -45.74 17.19 -27.39
CA VAL A 341 -45.95 15.85 -28.01
C VAL A 341 -44.57 15.36 -28.44
N LEU A 342 -44.18 14.23 -27.87
CA LEU A 342 -42.90 13.58 -28.15
C LEU A 342 -43.07 12.73 -29.43
N GLY A 343 -42.29 13.05 -30.46
CA GLY A 343 -42.15 12.27 -31.72
C GLY A 343 -43.46 12.24 -32.50
N GLY A 344 -44.31 13.24 -32.36
CA GLY A 344 -45.61 13.32 -33.05
C GLY A 344 -46.59 12.26 -32.57
N GLU A 345 -46.26 11.48 -31.53
CA GLU A 345 -46.97 10.22 -31.20
C GLU A 345 -47.37 10.15 -29.72
N TYR A 346 -46.57 10.73 -28.82
CA TYR A 346 -46.68 10.50 -27.36
C TYR A 346 -46.93 11.83 -26.66
N PRO A 347 -48.19 12.16 -26.29
CA PRO A 347 -48.45 13.48 -25.68
C PRO A 347 -48.02 13.45 -24.21
N LEU A 348 -47.31 14.50 -23.79
CA LEU A 348 -46.83 14.69 -22.40
C LEU A 348 -47.49 15.95 -21.84
N GLU A 349 -47.86 15.88 -20.57
CA GLU A 349 -48.24 17.05 -19.74
C GLU A 349 -46.99 17.66 -19.10
N LYS A 350 -46.94 18.99 -19.01
CA LYS A 350 -46.03 19.72 -18.10
C LYS A 350 -45.77 18.88 -16.87
N GLY A 351 -44.49 18.63 -16.57
CA GLY A 351 -44.09 17.89 -15.36
C GLY A 351 -43.85 16.42 -15.63
N ASP A 352 -44.31 15.87 -16.74
CA ASP A 352 -44.09 14.43 -17.03
C ASP A 352 -42.58 14.16 -17.13
N GLU A 353 -42.14 13.02 -16.62
CA GLU A 353 -40.69 12.70 -16.57
C GLU A 353 -40.34 11.68 -17.66
N LEU A 354 -39.08 11.73 -18.11
CA LEU A 354 -38.46 10.82 -19.10
C LEU A 354 -37.15 10.32 -18.46
N MET A 355 -36.76 9.08 -18.77
CA MET A 355 -35.45 8.50 -18.41
C MET A 355 -34.78 8.17 -19.74
N VAL A 356 -33.54 8.59 -19.90
CA VAL A 356 -32.72 8.28 -21.10
C VAL A 356 -31.82 7.11 -20.73
N LEU A 357 -31.97 5.99 -21.44
CA LEU A 357 -31.17 4.78 -21.23
C LEU A 357 -30.00 4.87 -22.19
N ILE A 358 -28.88 5.42 -21.73
CA ILE A 358 -27.75 5.80 -22.63
C ILE A 358 -27.23 4.53 -23.31
N PRO A 359 -27.08 3.34 -22.66
CA PRO A 359 -26.52 2.18 -23.37
C PRO A 359 -27.40 1.77 -24.55
N GLN A 360 -28.69 2.03 -24.47
CA GLN A 360 -29.64 1.66 -25.56
C GLN A 360 -29.58 2.69 -26.68
N LEU A 361 -29.57 3.98 -26.36
CA LEU A 361 -29.29 5.06 -27.32
C LEU A 361 -28.06 4.64 -28.14
N HIS A 362 -27.00 4.19 -27.49
CA HIS A 362 -25.68 3.97 -28.14
C HIS A 362 -25.68 2.66 -28.92
N ARG A 363 -26.80 1.93 -28.88
CA ARG A 363 -27.03 0.68 -29.66
C ARG A 363 -28.08 0.90 -30.77
N ASP A 364 -28.46 2.14 -31.04
CA ASP A 364 -29.46 2.48 -32.09
C ASP A 364 -28.91 2.17 -33.48
N LYS A 365 -29.42 1.11 -34.11
CA LYS A 365 -28.89 0.65 -35.41
C LYS A 365 -29.14 1.68 -36.51
N THR A 366 -30.15 2.54 -36.37
CA THR A 366 -30.45 3.57 -37.39
C THR A 366 -29.29 4.56 -37.42
N ILE A 367 -28.54 4.69 -36.31
CA ILE A 367 -27.38 5.61 -36.21
C ILE A 367 -26.09 4.85 -36.50
N TRP A 368 -25.83 3.76 -35.81
CA TRP A 368 -24.50 3.13 -35.75
C TRP A 368 -24.32 2.03 -36.80
N GLY A 369 -25.40 1.56 -37.46
CA GLY A 369 -25.34 0.40 -38.37
C GLY A 369 -25.66 -0.89 -37.63
N ASP A 370 -25.62 -2.01 -38.33
N ASP A 370 -25.66 -2.03 -38.32
CA ASP A 370 -26.07 -3.33 -37.82
CA ASP A 370 -26.10 -3.33 -37.75
C ASP A 370 -25.11 -3.87 -36.75
C ASP A 370 -24.91 -4.15 -37.25
N ASP A 371 -23.83 -3.50 -36.83
CA ASP A 371 -22.70 -4.14 -36.11
C ASP A 371 -22.54 -3.48 -34.72
N VAL A 372 -23.63 -3.04 -34.07
CA VAL A 372 -23.56 -2.10 -32.90
C VAL A 372 -22.83 -2.75 -31.72
N GLU A 373 -22.74 -4.08 -31.65
CA GLU A 373 -22.06 -4.78 -30.52
C GLU A 373 -20.53 -4.84 -30.73
N GLU A 374 -20.02 -4.57 -31.93
CA GLU A 374 -18.57 -4.67 -32.22
C GLU A 374 -17.86 -3.49 -31.56
N PHE A 375 -16.64 -3.71 -31.08
CA PHE A 375 -15.76 -2.64 -30.55
C PHE A 375 -14.91 -2.10 -31.70
N ARG A 376 -15.26 -0.93 -32.21
CA ARG A 376 -14.61 -0.32 -33.40
C ARG A 376 -14.34 1.15 -33.09
N PRO A 377 -13.18 1.51 -32.54
CA PRO A 377 -12.83 2.92 -32.30
C PRO A 377 -12.92 3.83 -33.54
N GLU A 378 -12.78 3.26 -34.73
CA GLU A 378 -12.82 4.03 -36.02
C GLU A 378 -14.19 4.70 -36.22
N ARG A 379 -15.23 4.30 -35.48
CA ARG A 379 -16.54 5.00 -35.48
C ARG A 379 -16.33 6.46 -35.13
N PHE A 380 -15.26 6.79 -34.37
CA PHE A 380 -14.99 8.13 -33.83
C PHE A 380 -13.79 8.79 -34.52
N GLU A 381 -13.39 8.30 -35.69
CA GLU A 381 -12.26 8.90 -36.42
C GLU A 381 -12.60 10.39 -36.62
N ASN A 382 -13.87 10.69 -36.91
CA ASN A 382 -14.34 12.05 -37.26
C ASN A 382 -15.52 12.48 -36.40
N PRO A 383 -15.30 13.34 -35.39
CA PRO A 383 -16.38 13.81 -34.52
C PRO A 383 -17.68 14.25 -35.21
N SER A 384 -17.55 15.07 -36.27
CA SER A 384 -18.67 15.87 -36.86
C SER A 384 -19.63 14.94 -37.61
N ALA A 385 -19.16 13.77 -38.03
CA ALA A 385 -19.98 12.69 -38.64
C ALA A 385 -20.96 12.06 -37.65
N ILE A 386 -20.83 12.29 -36.34
N ILE A 386 -20.81 12.28 -36.32
CA ILE A 386 -21.77 11.66 -35.36
CA ILE A 386 -21.74 11.69 -35.31
C ILE A 386 -22.99 12.55 -35.23
C ILE A 386 -22.98 12.57 -35.27
N PRO A 387 -24.19 12.05 -35.61
CA PRO A 387 -25.40 12.88 -35.56
C PRO A 387 -25.60 13.51 -34.17
N GLN A 388 -26.18 14.71 -34.17
CA GLN A 388 -26.48 15.41 -32.90
C GLN A 388 -27.37 14.50 -32.04
N HIS A 389 -27.07 14.47 -30.75
CA HIS A 389 -27.76 13.68 -29.68
C HIS A 389 -27.70 12.17 -29.90
N ALA A 390 -26.79 11.65 -30.71
CA ALA A 390 -26.61 10.19 -30.88
C ALA A 390 -25.73 9.62 -29.75
N PHE A 391 -24.80 10.43 -29.25
CA PHE A 391 -23.71 9.99 -28.35
C PHE A 391 -23.71 10.89 -27.14
N LYS A 392 -24.19 10.39 -25.99
CA LYS A 392 -24.47 11.26 -24.82
C LYS A 392 -23.95 10.63 -23.54
N PRO A 393 -22.69 10.12 -23.47
CA PRO A 393 -22.17 9.57 -22.22
C PRO A 393 -21.94 10.63 -21.13
N PHE A 394 -21.98 11.91 -21.49
CA PHE A 394 -21.78 13.02 -20.53
C PHE A 394 -23.07 13.84 -20.37
N GLY A 395 -24.24 13.27 -20.72
CA GLY A 395 -25.54 13.95 -20.61
C GLY A 395 -25.69 15.07 -21.62
N ASN A 396 -26.44 16.10 -21.23
CA ASN A 396 -27.04 17.03 -22.21
C ASN A 396 -26.93 18.48 -21.77
N GLY A 397 -26.57 19.33 -22.73
CA GLY A 397 -26.76 20.78 -22.70
C GLY A 397 -26.07 21.40 -21.50
N GLN A 398 -26.74 22.36 -20.87
CA GLN A 398 -26.12 23.12 -19.75
C GLN A 398 -25.99 22.20 -18.51
N ARG A 399 -26.70 21.07 -18.46
CA ARG A 399 -26.62 20.08 -17.33
C ARG A 399 -25.72 18.89 -17.69
N ALA A 400 -24.92 19.06 -18.74
CA ALA A 400 -23.88 18.07 -19.16
C ALA A 400 -22.80 18.01 -18.07
N CYS A 401 -22.07 16.92 -18.05
CA CYS A 401 -20.93 16.70 -17.11
C CYS A 401 -19.92 17.85 -17.16
N ILE A 402 -19.72 18.54 -16.06
CA ILE A 402 -18.67 19.59 -15.97
C ILE A 402 -17.28 18.95 -15.97
N GLY A 403 -17.21 17.66 -15.65
CA GLY A 403 -15.94 16.93 -15.47
C GLY A 403 -15.43 16.28 -16.74
N GLN A 404 -16.08 16.51 -17.88
CA GLN A 404 -15.84 15.72 -19.10
C GLN A 404 -14.38 15.86 -19.53
N GLN A 405 -13.86 17.09 -19.59
N GLN A 405 -13.89 17.10 -19.58
CA GLN A 405 -12.48 17.35 -20.08
CA GLN A 405 -12.51 17.44 -20.05
C GLN A 405 -11.49 16.72 -19.09
C GLN A 405 -11.48 16.81 -19.10
N PHE A 406 -11.76 16.87 -17.79
CA PHE A 406 -10.93 16.31 -16.71
C PHE A 406 -10.88 14.78 -16.88
N ALA A 407 -12.05 14.14 -16.98
CA ALA A 407 -12.16 12.68 -17.07
C ALA A 407 -11.39 12.17 -18.29
N LEU A 408 -11.57 12.82 -19.43
CA LEU A 408 -10.94 12.37 -20.69
C LEU A 408 -9.44 12.66 -20.68
N HIS A 409 -8.98 13.71 -20.03
CA HIS A 409 -7.51 13.99 -19.96
C HIS A 409 -6.86 12.92 -19.09
N GLU A 410 -7.40 12.69 -17.89
CA GLU A 410 -6.89 11.66 -16.98
C GLU A 410 -6.88 10.30 -17.71
N ALA A 411 -8.00 9.95 -18.32
CA ALA A 411 -8.17 8.59 -18.88
C ALA A 411 -7.21 8.40 -20.05
N THR A 412 -7.05 9.43 -20.88
CA THR A 412 -6.13 9.37 -22.06
C THR A 412 -4.69 9.27 -21.59
N LEU A 413 -4.32 10.09 -20.61
CA LEU A 413 -2.96 10.02 -20.03
C LEU A 413 -2.64 8.61 -19.52
N VAL A 414 -3.54 8.09 -18.68
N VAL A 414 -3.50 8.00 -18.68
CA VAL A 414 -3.37 6.79 -17.97
CA VAL A 414 -3.10 6.72 -18.02
C VAL A 414 -3.29 5.65 -19.00
C VAL A 414 -3.34 5.51 -18.93
N LEU A 415 -4.31 5.55 -19.85
CA LEU A 415 -4.37 4.46 -20.86
C LEU A 415 -3.13 4.56 -21.77
N GLY A 416 -2.72 5.76 -22.15
CA GLY A 416 -1.50 5.96 -22.96
C GLY A 416 -0.26 5.39 -22.28
N MET A 417 -0.08 5.74 -21.01
CA MET A 417 1.07 5.21 -20.22
C MET A 417 0.95 3.70 -20.05
N MET A 418 -0.24 3.14 -19.75
CA MET A 418 -0.42 1.66 -19.61
C MET A 418 0.02 0.98 -20.91
N LEU A 419 -0.37 1.52 -22.06
CA LEU A 419 -0.07 0.89 -23.37
C LEU A 419 1.40 1.10 -23.74
N LYS A 420 2.06 2.13 -23.26
CA LYS A 420 3.50 2.36 -23.53
C LYS A 420 4.32 1.34 -22.76
N HIS A 421 3.93 1.06 -21.52
CA HIS A 421 4.84 0.41 -20.54
C HIS A 421 4.63 -1.11 -20.47
N PHE A 422 3.49 -1.63 -20.88
CA PHE A 422 3.12 -3.05 -20.66
C PHE A 422 2.47 -3.67 -21.88
N ASP A 423 2.73 -4.98 -22.05
CA ASP A 423 1.85 -5.89 -22.82
C ASP A 423 0.83 -6.50 -21.85
N PHE A 424 -0.35 -6.84 -22.32
CA PHE A 424 -1.41 -7.36 -21.44
C PHE A 424 -1.87 -8.72 -21.90
N GLU A 425 -2.20 -9.57 -20.94
CA GLU A 425 -2.72 -10.94 -21.17
C GLU A 425 -4.05 -11.06 -20.43
N ASP A 426 -5.09 -11.52 -21.13
CA ASP A 426 -6.40 -11.90 -20.53
C ASP A 426 -6.27 -13.36 -20.07
N HIS A 427 -5.48 -13.58 -19.02
CA HIS A 427 -5.01 -14.92 -18.64
C HIS A 427 -6.14 -15.82 -18.12
N THR A 428 -7.30 -15.29 -17.74
CA THR A 428 -8.40 -16.10 -17.20
C THR A 428 -9.49 -16.25 -18.27
N ASN A 429 -9.33 -15.62 -19.44
CA ASN A 429 -10.39 -15.52 -20.47
C ASN A 429 -11.64 -14.93 -19.79
N TYR A 430 -11.48 -13.73 -19.22
CA TYR A 430 -12.50 -13.09 -18.36
C TYR A 430 -13.85 -12.99 -19.09
N GLU A 431 -14.88 -13.36 -18.36
CA GLU A 431 -16.29 -13.25 -18.78
C GLU A 431 -16.86 -11.99 -18.15
N LEU A 432 -17.21 -11.01 -18.98
CA LEU A 432 -17.70 -9.68 -18.52
C LEU A 432 -18.84 -9.87 -17.51
N ASP A 433 -18.66 -9.30 -16.33
CA ASP A 433 -19.70 -9.31 -15.26
C ASP A 433 -19.80 -7.86 -14.78
N ILE A 434 -20.91 -7.18 -15.05
CA ILE A 434 -20.97 -5.72 -14.82
C ILE A 434 -21.68 -5.48 -13.51
N LYS A 435 -20.95 -4.95 -12.55
CA LYS A 435 -21.50 -4.63 -11.21
C LYS A 435 -22.04 -3.21 -11.32
N GLU A 436 -23.22 -2.99 -10.75
CA GLU A 436 -23.84 -1.65 -10.80
C GLU A 436 -23.88 -1.04 -9.39
N THR A 437 -23.36 0.17 -9.25
CA THR A 437 -23.51 1.00 -8.04
C THR A 437 -24.34 2.20 -8.50
N LEU A 438 -23.82 3.40 -8.31
CA LEU A 438 -24.23 4.58 -9.11
C LEU A 438 -23.85 4.32 -10.57
N THR A 439 -22.74 3.64 -10.79
CA THR A 439 -22.09 3.49 -12.12
C THR A 439 -21.91 2.02 -12.44
N LEU A 440 -21.42 1.73 -13.66
CA LEU A 440 -21.10 0.40 -14.15
C LEU A 440 -19.60 0.16 -14.03
N LYS A 441 -19.20 -1.03 -13.58
CA LYS A 441 -17.78 -1.49 -13.64
C LYS A 441 -17.72 -2.98 -13.95
N PRO A 442 -16.69 -3.45 -14.66
CA PRO A 442 -16.46 -4.87 -14.86
C PRO A 442 -15.90 -5.60 -13.65
N GLU A 443 -16.76 -6.25 -12.87
CA GLU A 443 -16.38 -6.92 -11.60
C GLU A 443 -15.49 -8.13 -11.89
N GLY A 444 -14.42 -8.28 -11.10
CA GLY A 444 -13.55 -9.46 -11.17
C GLY A 444 -12.65 -9.44 -12.39
N PHE A 445 -12.63 -8.33 -13.15
CA PHE A 445 -11.76 -8.20 -14.35
C PHE A 445 -10.31 -8.17 -13.88
N VAL A 446 -9.54 -9.16 -14.35
CA VAL A 446 -8.10 -9.30 -13.98
C VAL A 446 -7.29 -9.54 -15.24
N VAL A 447 -6.03 -9.07 -15.24
CA VAL A 447 -5.08 -9.29 -16.36
C VAL A 447 -3.71 -9.54 -15.74
N LYS A 448 -2.82 -10.02 -16.59
CA LYS A 448 -1.37 -10.01 -16.30
C LYS A 448 -0.75 -8.96 -17.22
N ALA A 449 0.21 -8.22 -16.69
CA ALA A 449 0.98 -7.21 -17.44
C ALA A 449 2.42 -7.71 -17.53
N LYS A 450 2.99 -7.72 -18.73
CA LYS A 450 4.43 -7.98 -18.92
C LYS A 450 5.07 -6.64 -19.25
N SER A 451 5.99 -6.21 -18.41
CA SER A 451 6.73 -4.95 -18.63
C SER A 451 7.41 -4.95 -20.00
N LYS A 452 7.34 -3.82 -20.70
CA LYS A 452 8.24 -3.57 -21.86
C LYS A 452 9.57 -2.99 -21.37
N LYS A 453 9.75 -2.81 -20.05
CA LYS A 453 11.01 -2.36 -19.40
C LYS A 453 11.47 -1.02 -19.99
N ILE A 454 10.56 -0.06 -20.07
CA ILE A 454 10.87 1.32 -20.55
C ILE A 454 10.91 2.20 -19.30
N PRO A 455 12.08 2.84 -18.98
CA PRO A 455 12.18 3.66 -17.77
C PRO A 455 11.23 4.86 -17.72
N LEU A 456 10.86 5.29 -16.51
CA LEU A 456 10.22 6.60 -16.18
C LEU A 456 11.27 7.61 -15.66
N ILE B 3 38.41 -19.73 43.67
CA ILE B 3 37.02 -20.24 43.37
C ILE B 3 36.00 -19.44 44.20
N LYS B 4 35.01 -18.87 43.53
CA LYS B 4 33.83 -18.23 44.15
C LYS B 4 32.56 -18.96 43.70
N GLU B 5 31.52 -18.88 44.52
CA GLU B 5 30.16 -19.38 44.22
C GLU B 5 29.37 -18.21 43.61
N MET B 6 28.84 -18.38 42.39
CA MET B 6 28.08 -17.29 41.75
C MET B 6 26.70 -17.19 42.37
N PRO B 7 26.13 -15.96 42.38
CA PRO B 7 24.76 -15.76 42.82
C PRO B 7 23.73 -16.33 41.86
N GLN B 8 22.50 -16.39 42.36
CA GLN B 8 21.35 -16.98 41.66
C GLN B 8 20.14 -16.15 42.02
N PRO B 9 19.30 -15.77 41.03
CA PRO B 9 18.07 -15.07 41.34
C PRO B 9 17.05 -16.00 42.01
N LYS B 10 15.96 -15.41 42.45
CA LYS B 10 14.96 -16.06 43.32
C LYS B 10 14.41 -17.31 42.65
N THR B 11 14.11 -18.33 43.46
CA THR B 11 13.63 -19.63 42.97
C THR B 11 12.18 -19.86 43.38
N PHE B 12 11.60 -20.84 42.72
CA PHE B 12 10.17 -21.19 42.81
C PHE B 12 10.04 -22.70 43.10
N GLY B 13 10.72 -23.19 44.14
CA GLY B 13 10.68 -24.62 44.50
C GLY B 13 11.16 -25.48 43.34
N GLU B 14 10.36 -26.47 42.96
CA GLU B 14 10.68 -27.51 41.94
C GLU B 14 10.93 -26.85 40.58
N LEU B 15 10.33 -25.68 40.34
CA LEU B 15 10.50 -24.96 39.04
C LEU B 15 11.78 -24.12 39.02
N LYS B 16 12.51 -24.02 40.13
CA LYS B 16 13.79 -23.32 40.18
C LYS B 16 13.57 -21.91 39.63
N ASN B 17 14.36 -21.45 38.65
CA ASN B 17 14.26 -20.06 38.11
C ASN B 17 13.29 -19.95 36.91
N LEU B 18 12.71 -21.04 36.42
CA LEU B 18 11.93 -20.99 35.16
C LEU B 18 10.83 -19.93 35.18
N PRO B 19 10.04 -19.75 36.26
CA PRO B 19 8.94 -18.79 36.20
C PRO B 19 9.40 -17.32 36.02
N LEU B 20 10.67 -17.00 36.20
CA LEU B 20 11.22 -15.64 35.91
C LEU B 20 11.10 -15.34 34.40
N LEU B 21 10.98 -16.37 33.55
CA LEU B 21 10.74 -16.21 32.10
C LEU B 21 9.26 -16.08 31.78
N ASN B 22 8.38 -16.22 32.76
N ASN B 22 8.37 -16.23 32.76
CA ASN B 22 6.92 -16.02 32.56
CA ASN B 22 6.89 -16.00 32.61
C ASN B 22 6.63 -14.52 32.52
C ASN B 22 6.64 -14.49 32.53
N THR B 23 7.00 -13.87 31.41
CA THR B 23 6.95 -12.41 31.20
C THR B 23 6.96 -12.18 29.69
N ASP B 24 6.37 -11.09 29.22
N ASP B 24 6.39 -11.08 29.23
CA ASP B 24 6.48 -10.67 27.81
CA ASP B 24 6.49 -10.68 27.80
C ASP B 24 7.85 -10.02 27.57
C ASP B 24 7.82 -9.94 27.58
N LYS B 25 8.60 -9.64 28.62
CA LYS B 25 9.90 -8.90 28.46
C LYS B 25 11.04 -9.60 29.18
N PRO B 26 11.42 -10.82 28.74
CA PRO B 26 12.44 -11.60 29.46
C PRO B 26 13.86 -11.02 29.39
N VAL B 27 14.21 -10.42 28.26
CA VAL B 27 15.54 -9.76 28.16
C VAL B 27 15.61 -8.66 29.22
N GLN B 28 14.60 -7.79 29.28
CA GLN B 28 14.62 -6.67 30.26
C GLN B 28 14.59 -7.26 31.69
N ALA B 29 13.91 -8.39 31.92
CA ALA B 29 13.88 -9.05 33.25
C ALA B 29 15.29 -9.50 33.62
N LEU B 30 15.99 -10.13 32.67
CA LEU B 30 17.36 -10.64 32.87
C LEU B 30 18.32 -9.46 33.06
N MET B 31 18.12 -8.33 32.37
CA MET B 31 18.97 -7.13 32.61
C MET B 31 18.78 -6.67 34.05
N LYS B 32 17.55 -6.66 34.57
CA LYS B 32 17.33 -6.15 35.96
C LYS B 32 17.99 -7.12 36.96
N ILE B 33 17.92 -8.43 36.70
CA ILE B 33 18.62 -9.43 37.55
C ILE B 33 20.14 -9.17 37.53
N ALA B 34 20.72 -8.92 36.34
CA ALA B 34 22.16 -8.59 36.21
C ALA B 34 22.50 -7.30 37.00
N ASP B 35 21.64 -6.28 36.98
CA ASP B 35 21.86 -5.06 37.79
C ASP B 35 21.90 -5.46 39.25
N GLU B 36 21.09 -6.39 39.70
CA GLU B 36 21.00 -6.72 41.15
C GLU B 36 22.17 -7.63 41.54
N LEU B 37 22.55 -8.62 40.72
CA LEU B 37 23.50 -9.70 41.08
C LEU B 37 24.92 -9.48 40.54
N GLY B 38 25.09 -8.71 39.46
CA GLY B 38 26.42 -8.36 38.91
C GLY B 38 26.81 -9.20 37.70
N GLU B 39 28.09 -9.43 37.52
CA GLU B 39 28.64 -9.82 36.19
C GLU B 39 28.31 -11.26 35.82
N ILE B 40 27.91 -12.11 36.77
CA ILE B 40 27.64 -13.54 36.47
C ILE B 40 26.58 -14.03 37.45
N PHE B 41 25.56 -14.71 36.93
CA PHE B 41 24.61 -15.43 37.78
C PHE B 41 24.23 -16.76 37.12
N LYS B 42 23.98 -17.72 37.99
CA LYS B 42 23.45 -19.04 37.65
C LYS B 42 21.96 -18.90 37.41
N PHE B 43 21.44 -19.63 36.45
CA PHE B 43 20.00 -19.67 36.14
C PHE B 43 19.63 -21.13 35.92
N GLU B 44 18.71 -21.66 36.72
CA GLU B 44 18.32 -23.09 36.67
C GLU B 44 16.86 -23.21 36.27
N ALA B 45 16.56 -24.23 35.45
CA ALA B 45 15.21 -24.75 35.19
C ALA B 45 15.27 -26.26 35.33
N PRO B 46 14.10 -26.95 35.38
CA PRO B 46 14.07 -28.42 35.39
C PRO B 46 14.92 -28.97 34.24
N GLY B 47 16.02 -29.66 34.59
CA GLY B 47 16.98 -30.29 33.66
C GLY B 47 17.84 -29.32 32.88
N ARG B 48 18.01 -28.09 33.36
CA ARG B 48 18.79 -27.05 32.60
C ARG B 48 19.54 -26.17 33.60
N VAL B 49 20.81 -25.92 33.32
CA VAL B 49 21.57 -24.86 34.02
C VAL B 49 22.33 -24.04 33.00
N THR B 50 22.28 -22.72 33.15
CA THR B 50 23.12 -21.82 32.35
C THR B 50 23.63 -20.71 33.26
N ARG B 51 24.56 -19.93 32.73
CA ARG B 51 25.18 -18.83 33.48
C ARG B 51 25.08 -17.58 32.60
N TYR B 52 24.57 -16.48 33.15
CA TYR B 52 24.39 -15.22 32.40
C TYR B 52 25.60 -14.34 32.67
N LEU B 53 26.30 -13.91 31.60
CA LEU B 53 27.50 -13.02 31.71
C LEU B 53 27.15 -11.59 31.27
N SER B 54 27.65 -10.59 31.98
N SER B 54 27.66 -10.58 31.97
CA SER B 54 27.32 -9.16 31.74
CA SER B 54 27.35 -9.16 31.65
C SER B 54 28.58 -8.27 31.68
C SER B 54 28.54 -8.23 31.84
N SER B 55 29.76 -8.75 32.06
CA SER B 55 30.97 -7.93 32.18
C SER B 55 31.88 -8.23 30.99
N GLN B 56 32.58 -7.20 30.55
CA GLN B 56 33.58 -7.33 29.47
C GLN B 56 34.67 -8.28 29.99
N ARG B 57 34.99 -8.22 31.28
CA ARG B 57 36.06 -9.07 31.88
C ARG B 57 35.76 -10.56 31.61
N LEU B 58 34.53 -11.00 31.81
CA LEU B 58 34.20 -12.42 31.61
C LEU B 58 33.87 -12.68 30.15
N ILE B 59 33.20 -11.75 29.47
CA ILE B 59 32.74 -11.99 28.07
C ILE B 59 33.97 -12.08 27.15
N LYS B 60 35.04 -11.35 27.45
CA LYS B 60 36.26 -11.44 26.61
C LYS B 60 36.80 -12.89 26.63
N GLU B 61 36.69 -13.61 27.76
CA GLU B 61 37.10 -15.03 27.85
C GLU B 61 36.07 -15.94 27.19
N ALA B 62 34.77 -15.67 27.34
CA ALA B 62 33.73 -16.48 26.68
C ALA B 62 33.90 -16.42 25.15
N CYS B 63 34.45 -15.32 24.62
CA CYS B 63 34.65 -15.10 23.17
C CYS B 63 35.93 -15.76 22.65
N ASP B 64 36.66 -16.46 23.49
CA ASP B 64 37.85 -17.27 23.09
C ASP B 64 37.34 -18.56 22.43
N GLU B 65 37.46 -18.64 21.12
CA GLU B 65 36.93 -19.76 20.29
C GLU B 65 37.70 -21.05 20.53
N SER B 66 38.89 -20.99 21.12
CA SER B 66 39.61 -22.23 21.49
C SER B 66 38.96 -22.82 22.74
N ARG B 67 38.19 -22.04 23.53
CA ARG B 67 37.64 -22.53 24.80
C ARG B 67 36.12 -22.75 24.69
N PHE B 68 35.44 -21.97 23.84
CA PHE B 68 33.97 -21.90 23.75
C PHE B 68 33.60 -21.83 22.27
N ASP B 69 32.53 -22.54 21.94
CA ASP B 69 31.84 -22.52 20.63
C ASP B 69 30.40 -22.06 20.82
N LYS B 70 29.74 -21.73 19.71
CA LYS B 70 28.31 -21.37 19.75
C LYS B 70 27.47 -22.56 20.24
N ASN B 71 26.56 -22.27 21.15
CA ASN B 71 25.50 -23.18 21.63
C ASN B 71 24.19 -22.78 20.97
N LEU B 72 23.35 -23.74 20.63
CA LEU B 72 21.93 -23.47 20.32
C LEU B 72 21.23 -23.40 21.67
N SER B 73 20.82 -22.18 22.05
CA SER B 73 19.94 -21.91 23.21
C SER B 73 18.63 -22.67 23.00
N GLN B 74 17.79 -22.73 24.01
CA GLN B 74 16.46 -23.34 23.83
C GLN B 74 15.72 -22.59 22.72
N ALA B 75 15.83 -21.25 22.67
CA ALA B 75 15.15 -20.45 21.63
C ALA B 75 15.61 -20.88 20.24
N LEU B 76 16.93 -20.99 20.03
CA LEU B 76 17.46 -21.33 18.69
C LEU B 76 17.08 -22.77 18.34
N LYS B 77 17.03 -23.69 19.33
CA LYS B 77 16.50 -25.06 19.08
C LYS B 77 15.05 -25.03 18.59
N PHE B 78 14.23 -24.11 19.09
CA PHE B 78 12.82 -23.98 18.61
C PHE B 78 12.80 -23.30 17.24
N VAL B 79 13.67 -22.32 17.01
CA VAL B 79 13.73 -21.68 15.68
C VAL B 79 14.22 -22.71 14.64
N ARG B 80 15.11 -23.63 15.01
CA ARG B 80 15.66 -24.67 14.12
C ARG B 80 14.54 -25.56 13.55
N ASP B 81 13.38 -25.63 14.22
CA ASP B 81 12.24 -26.41 13.69
C ASP B 81 11.80 -25.84 12.32
N PHE B 82 11.98 -24.54 12.05
CA PHE B 82 11.72 -23.99 10.70
C PHE B 82 12.96 -23.41 9.99
N ALA B 83 14.04 -23.07 10.69
CA ALA B 83 15.24 -22.48 10.05
C ALA B 83 16.29 -23.57 9.81
N GLY B 84 15.99 -24.79 10.27
CA GLY B 84 16.79 -26.00 10.00
C GLY B 84 18.27 -25.82 10.27
N ASP B 85 19.10 -26.37 9.37
CA ASP B 85 20.55 -26.22 9.44
C ASP B 85 20.97 -25.07 8.52
N GLY B 86 20.16 -24.01 8.43
CA GLY B 86 20.69 -22.73 7.94
C GLY B 86 21.81 -22.21 8.84
N LEU B 87 22.48 -21.14 8.43
CA LEU B 87 23.70 -20.67 9.14
C LEU B 87 23.41 -20.37 10.60
N PHE B 88 22.26 -19.79 10.90
CA PHE B 88 21.96 -19.21 12.24
C PHE B 88 21.61 -20.33 13.22
N THR B 89 21.04 -21.44 12.76
CA THR B 89 20.54 -22.47 13.70
C THR B 89 21.34 -23.76 13.51
N SER B 90 22.54 -23.68 12.94
N SER B 90 22.54 -23.65 12.95
CA SER B 90 23.37 -24.90 12.76
CA SER B 90 23.46 -24.81 12.77
C SER B 90 24.49 -24.86 13.79
C SER B 90 24.44 -24.85 13.93
N TRP B 91 24.90 -26.05 14.24
CA TRP B 91 26.09 -26.24 15.09
C TRP B 91 27.29 -26.05 14.17
N THR B 92 28.36 -25.54 14.73
CA THR B 92 29.64 -25.29 14.01
C THR B 92 30.16 -26.57 13.39
N HIS B 93 29.92 -27.73 14.00
CA HIS B 93 30.49 -29.04 13.55
C HIS B 93 29.59 -29.70 12.51
N GLU B 94 28.43 -29.14 12.19
CA GLU B 94 27.59 -29.70 11.09
C GLU B 94 28.26 -29.34 9.76
N LYS B 95 28.41 -30.32 8.88
CA LYS B 95 29.02 -30.10 7.55
C LYS B 95 28.36 -28.90 6.84
N ASN B 96 27.03 -28.75 6.93
CA ASN B 96 26.33 -27.67 6.20
C ASN B 96 26.64 -26.31 6.80
N TRP B 97 27.18 -26.21 8.02
CA TRP B 97 27.58 -24.87 8.56
C TRP B 97 28.76 -24.37 7.75
N LYS B 98 29.84 -25.14 7.72
CA LYS B 98 31.10 -24.63 7.12
C LYS B 98 30.91 -24.49 5.60
N LYS B 99 30.15 -25.38 4.96
CA LYS B 99 29.93 -25.31 3.50
C LYS B 99 29.20 -24.00 3.16
N ALA B 100 28.09 -23.70 3.83
CA ALA B 100 27.27 -22.49 3.61
C ALA B 100 28.06 -21.24 3.96
N HIS B 101 28.78 -21.26 5.08
CA HIS B 101 29.68 -20.17 5.47
C HIS B 101 30.63 -19.86 4.31
N ASN B 102 31.35 -20.86 3.80
CA ASN B 102 32.39 -20.62 2.77
C ASN B 102 31.76 -20.08 1.47
N ILE B 103 30.57 -20.55 1.13
N ILE B 103 30.58 -20.64 1.12
CA ILE B 103 29.91 -20.23 -0.16
CA ILE B 103 29.81 -20.32 -0.11
C ILE B 103 29.35 -18.82 -0.03
C ILE B 103 29.31 -18.88 -0.03
N LEU B 104 28.80 -18.47 1.14
CA LEU B 104 28.07 -17.19 1.29
C LEU B 104 28.95 -16.02 1.73
N LEU B 105 30.08 -16.25 2.36
CA LEU B 105 30.91 -15.11 2.86
C LEU B 105 31.15 -14.06 1.76
N PRO B 106 31.54 -14.43 0.51
CA PRO B 106 31.81 -13.44 -0.54
C PRO B 106 30.55 -12.67 -0.98
N SER B 107 29.36 -13.20 -0.74
CA SER B 107 28.07 -12.54 -1.06
C SER B 107 27.74 -11.46 -0.04
N PHE B 108 28.41 -11.47 1.10
CA PHE B 108 28.04 -10.63 2.26
C PHE B 108 29.16 -9.67 2.63
N SER B 109 30.22 -9.62 1.84
CA SER B 109 31.39 -8.77 2.13
C SER B 109 31.03 -7.31 1.85
N GLN B 110 31.86 -6.40 2.38
CA GLN B 110 31.71 -4.94 2.12
C GLN B 110 31.75 -4.70 0.61
N GLN B 111 32.62 -5.40 -0.12
CA GLN B 111 32.73 -5.38 -1.60
C GLN B 111 31.39 -5.72 -2.27
N ALA B 112 30.71 -6.80 -1.85
CA ALA B 112 29.42 -7.22 -2.44
C ALA B 112 28.34 -6.13 -2.29
N MET B 113 28.42 -5.27 -1.28
CA MET B 113 27.38 -4.23 -1.06
C MET B 113 27.31 -3.32 -2.30
N LYS B 114 28.43 -3.07 -3.01
CA LYS B 114 28.37 -2.26 -4.26
C LYS B 114 27.27 -2.82 -5.18
N GLY B 115 27.14 -4.14 -5.26
CA GLY B 115 26.17 -4.86 -6.10
C GLY B 115 24.73 -4.73 -5.59
N TYR B 116 24.52 -4.67 -4.28
CA TYR B 116 23.16 -4.63 -3.71
C TYR B 116 22.67 -3.18 -3.67
N HIS B 117 23.59 -2.22 -3.79
CA HIS B 117 23.29 -0.79 -3.49
C HIS B 117 22.05 -0.31 -4.25
N ALA B 118 21.97 -0.54 -5.57
CA ALA B 118 20.86 -0.03 -6.42
C ALA B 118 19.52 -0.59 -5.92
N MET B 119 19.45 -1.86 -5.55
CA MET B 119 18.18 -2.45 -5.03
C MET B 119 17.85 -1.86 -3.65
N MET B 120 18.86 -1.54 -2.82
CA MET B 120 18.60 -0.91 -1.50
C MET B 120 18.03 0.47 -1.72
N VAL B 121 18.57 1.20 -2.70
CA VAL B 121 18.07 2.56 -3.03
C VAL B 121 16.60 2.46 -3.49
N ASP B 122 16.27 1.47 -4.30
CA ASP B 122 14.91 1.29 -4.84
C ASP B 122 13.93 1.26 -3.67
N ILE B 123 14.21 0.46 -2.63
CA ILE B 123 13.32 0.39 -1.45
C ILE B 123 13.39 1.68 -0.61
N ALA B 124 14.57 2.24 -0.37
CA ALA B 124 14.72 3.47 0.43
C ALA B 124 13.93 4.62 -0.22
N VAL B 125 14.00 4.76 -1.53
CA VAL B 125 13.20 5.80 -2.28
C VAL B 125 11.70 5.56 -2.07
N GLN B 126 11.23 4.31 -2.03
CA GLN B 126 9.80 4.04 -1.70
C GLN B 126 9.45 4.55 -0.30
N LEU B 127 10.35 4.40 0.68
N LEU B 127 10.35 4.40 0.67
CA LEU B 127 10.10 4.90 2.05
CA LEU B 127 10.10 4.90 2.04
C LEU B 127 10.04 6.43 2.01
C LEU B 127 10.03 6.43 2.00
N VAL B 128 11.01 7.09 1.37
CA VAL B 128 11.03 8.57 1.31
C VAL B 128 9.74 9.07 0.64
N GLN B 129 9.36 8.45 -0.50
N GLN B 129 9.35 8.46 -0.50
CA GLN B 129 8.13 8.83 -1.25
CA GLN B 129 8.12 8.88 -1.26
C GLN B 129 6.90 8.66 -0.38
C GLN B 129 6.87 8.64 -0.40
N LYS B 130 6.79 7.54 0.34
CA LYS B 130 5.68 7.34 1.30
C LYS B 130 5.58 8.57 2.22
N TRP B 131 6.69 8.95 2.85
CA TRP B 131 6.67 10.00 3.88
C TRP B 131 6.40 11.36 3.23
N GLU B 132 6.99 11.63 2.07
CA GLU B 132 6.72 12.88 1.31
C GLU B 132 5.24 12.99 0.97
N ARG B 133 4.52 11.86 0.83
CA ARG B 133 3.12 11.83 0.39
C ARG B 133 2.13 11.88 1.56
N LEU B 134 2.58 11.91 2.81
CA LEU B 134 1.63 12.01 3.95
C LEU B 134 1.03 13.43 3.98
N ASN B 135 -0.20 13.53 4.45
CA ASN B 135 -0.93 14.81 4.67
C ASN B 135 -0.45 15.45 5.98
N ALA B 136 -0.77 16.73 6.19
CA ALA B 136 -0.31 17.52 7.36
C ALA B 136 -0.75 16.85 8.68
N ASP B 137 -1.94 16.26 8.69
CA ASP B 137 -2.57 15.71 9.92
C ASP B 137 -1.86 14.42 10.38
N GLU B 138 -0.94 13.85 9.61
CA GLU B 138 -0.67 12.40 9.72
C GLU B 138 0.64 12.22 10.46
N HIS B 139 0.85 11.03 10.95
CA HIS B 139 2.14 10.65 11.54
C HIS B 139 2.65 9.36 10.92
N ILE B 140 3.83 8.99 11.37
CA ILE B 140 4.62 7.81 10.92
C ILE B 140 4.61 6.80 12.06
N GLU B 141 4.26 5.56 11.74
CA GLU B 141 4.41 4.40 12.65
C GLU B 141 5.81 3.83 12.35
N VAL B 142 6.77 4.19 13.19
CA VAL B 142 8.21 4.00 12.88
C VAL B 142 8.54 2.52 12.71
N PRO B 143 8.42 1.62 13.71
CA PRO B 143 8.88 0.26 13.50
C PRO B 143 8.11 -0.41 12.35
N GLU B 144 6.83 -0.03 12.13
CA GLU B 144 6.00 -0.64 11.06
C GLU B 144 6.65 -0.29 9.71
N ASP B 145 7.00 0.96 9.51
CA ASP B 145 7.60 1.40 8.24
C ASP B 145 9.04 0.91 8.10
N MET B 146 9.80 0.83 9.18
CA MET B 146 11.19 0.35 9.08
C MET B 146 11.16 -1.13 8.73
N THR B 147 10.17 -1.88 9.19
CA THR B 147 10.07 -3.32 8.89
C THR B 147 9.66 -3.51 7.42
N ARG B 148 8.73 -2.69 6.91
CA ARG B 148 8.35 -2.69 5.49
C ARG B 148 9.65 -2.59 4.67
N LEU B 149 10.52 -1.65 5.06
N LEU B 149 10.50 -1.64 5.03
CA LEU B 149 11.77 -1.29 4.33
CA LEU B 149 11.74 -1.41 4.25
C LEU B 149 12.78 -2.45 4.38
C LEU B 149 12.64 -2.64 4.33
N THR B 150 12.98 -3.08 5.54
CA THR B 150 14.04 -4.12 5.72
C THR B 150 13.58 -5.43 5.11
N LEU B 151 12.30 -5.77 5.23
CA LEU B 151 11.77 -7.00 4.61
C LEU B 151 11.88 -6.88 3.08
N ASP B 152 11.53 -5.72 2.53
CA ASP B 152 11.52 -5.52 1.07
C ASP B 152 12.96 -5.59 0.58
N THR B 153 13.92 -5.01 1.33
CA THR B 153 15.33 -4.96 0.90
C THR B 153 15.87 -6.38 0.79
N ILE B 154 15.58 -7.26 1.77
CA ILE B 154 16.19 -8.62 1.76
C ILE B 154 15.46 -9.44 0.70
N GLY B 155 14.16 -9.28 0.54
CA GLY B 155 13.44 -9.96 -0.56
C GLY B 155 14.08 -9.66 -1.90
N LEU B 156 14.37 -8.40 -2.17
CA LEU B 156 14.87 -8.01 -3.50
C LEU B 156 16.34 -8.47 -3.65
N CYS B 157 17.22 -8.19 -2.67
CA CYS B 157 18.66 -8.56 -2.71
C CYS B 157 18.83 -10.07 -2.54
N GLY B 158 17.92 -10.69 -1.81
CA GLY B 158 18.00 -12.12 -1.52
C GLY B 158 17.62 -12.97 -2.72
N PHE B 159 16.46 -12.70 -3.33
CA PHE B 159 15.96 -13.61 -4.39
C PHE B 159 15.09 -12.84 -5.42
N ASN B 160 15.32 -11.55 -5.60
CA ASN B 160 14.67 -10.80 -6.69
C ASN B 160 13.15 -10.91 -6.53
N TYR B 161 12.67 -10.87 -5.30
CA TYR B 161 11.23 -10.97 -5.00
C TYR B 161 10.79 -9.64 -4.39
N ARG B 162 9.69 -9.07 -4.87
CA ARG B 162 9.09 -7.83 -4.28
C ARG B 162 7.97 -8.21 -3.33
N PHE B 163 8.16 -8.05 -2.01
CA PHE B 163 7.06 -8.19 -1.05
C PHE B 163 6.09 -7.00 -1.19
N ASN B 164 6.53 -5.91 -1.79
CA ASN B 164 5.66 -4.71 -2.01
C ASN B 164 4.97 -4.30 -0.70
N SER B 165 5.74 -4.28 0.38
CA SER B 165 5.25 -3.98 1.74
C SER B 165 4.63 -2.57 1.81
N PHE B 166 5.14 -1.62 1.04
CA PHE B 166 4.62 -0.23 1.04
C PHE B 166 3.27 -0.15 0.32
N TYR B 167 2.79 -1.25 -0.30
CA TYR B 167 1.50 -1.28 -1.04
C TYR B 167 0.39 -1.95 -0.23
N ARG B 168 0.69 -2.43 0.98
N ARG B 168 0.65 -2.45 0.97
CA ARG B 168 -0.29 -3.25 1.76
CA ARG B 168 -0.45 -3.10 1.74
C ARG B 168 -0.21 -2.93 3.27
C ARG B 168 -0.21 -3.02 3.25
N ASP B 169 -1.28 -3.30 3.99
CA ASP B 169 -1.30 -3.41 5.48
C ASP B 169 -1.14 -4.87 5.85
N GLN B 170 -1.87 -5.77 5.18
CA GLN B 170 -1.90 -7.22 5.48
C GLN B 170 -0.55 -7.84 5.11
N PRO B 171 0.11 -8.56 6.04
CA PRO B 171 1.34 -9.26 5.71
C PRO B 171 1.17 -10.24 4.54
N HIS B 172 2.25 -10.46 3.81
CA HIS B 172 2.39 -11.60 2.89
C HIS B 172 2.09 -12.87 3.68
N PRO B 173 1.35 -13.84 3.10
CA PRO B 173 1.18 -15.17 3.71
C PRO B 173 2.43 -15.82 4.32
N PHE B 174 3.60 -15.66 3.68
CA PHE B 174 4.87 -16.22 4.21
C PHE B 174 5.12 -15.56 5.57
N ILE B 175 5.01 -14.24 5.63
CA ILE B 175 5.33 -13.42 6.84
C ILE B 175 4.34 -13.70 7.99
N THR B 176 3.04 -13.84 7.68
CA THR B 176 2.04 -14.30 8.69
C THR B 176 2.54 -15.57 9.36
N SER B 177 2.92 -16.57 8.60
CA SER B 177 3.34 -17.88 9.16
C SER B 177 4.68 -17.71 9.87
N MET B 178 5.60 -16.91 9.33
CA MET B 178 6.96 -16.78 9.93
C MET B 178 6.80 -16.07 11.29
N VAL B 179 6.05 -14.98 11.32
CA VAL B 179 5.85 -14.18 12.57
C VAL B 179 5.18 -15.05 13.63
N ARG B 180 4.20 -15.85 13.24
CA ARG B 180 3.44 -16.72 14.19
C ARG B 180 4.33 -17.89 14.61
N ALA B 181 5.20 -18.41 13.76
CA ALA B 181 6.17 -19.46 14.16
C ALA B 181 7.20 -18.90 15.13
N LEU B 182 7.75 -17.71 14.86
CA LEU B 182 8.70 -17.04 15.79
C LEU B 182 8.02 -16.78 17.15
N ASP B 183 6.76 -16.36 17.12
CA ASP B 183 5.98 -16.11 18.36
C ASP B 183 5.85 -17.43 19.14
N GLU B 184 5.53 -18.54 18.46
CA GLU B 184 5.38 -19.85 19.14
C GLU B 184 6.72 -20.31 19.72
N ALA B 185 7.80 -20.20 18.94
CA ALA B 185 9.17 -20.52 19.41
C ALA B 185 9.47 -19.77 20.70
N MET B 186 9.16 -18.46 20.75
CA MET B 186 9.51 -17.65 21.95
C MET B 186 8.56 -18.00 23.11
N ASN B 187 7.28 -18.25 22.84
CA ASN B 187 6.28 -18.55 23.90
C ASN B 187 6.62 -19.89 24.54
N LYS B 188 7.24 -20.82 23.82
CA LYS B 188 7.52 -22.18 24.35
C LYS B 188 8.54 -22.13 25.47
N LEU B 189 9.35 -21.07 25.54
CA LEU B 189 10.50 -21.02 26.49
C LEU B 189 9.99 -21.16 27.92
N GLN B 190 8.90 -20.49 28.25
CA GLN B 190 8.42 -20.38 29.64
C GLN B 190 7.57 -21.58 30.05
N ARG B 191 7.15 -22.43 29.11
CA ARG B 191 6.13 -23.49 29.40
C ARG B 191 6.78 -24.56 30.28
N ALA B 192 6.23 -24.81 31.47
CA ALA B 192 6.69 -25.88 32.40
C ALA B 192 6.27 -27.26 31.88
N ASN B 193 5.09 -27.37 31.24
CA ASN B 193 4.56 -28.68 30.76
C ASN B 193 4.18 -28.53 29.29
N PRO B 194 5.17 -28.53 28.37
CA PRO B 194 4.89 -28.30 26.94
C PRO B 194 3.98 -29.36 26.32
N ASP B 195 3.86 -30.53 26.97
CA ASP B 195 3.14 -31.73 26.44
C ASP B 195 1.69 -31.73 26.93
N ASP B 196 1.31 -30.76 27.76
CA ASP B 196 -0.12 -30.51 28.09
C ASP B 196 -0.93 -30.35 26.79
N PRO B 197 -2.02 -31.13 26.61
CA PRO B 197 -2.98 -30.92 25.52
C PRO B 197 -3.54 -29.51 25.31
N ALA B 198 -3.38 -28.59 26.29
CA ALA B 198 -3.73 -27.15 26.18
C ALA B 198 -2.91 -26.43 25.09
N TYR B 199 -1.82 -27.04 24.62
CA TYR B 199 -0.93 -26.48 23.55
C TYR B 199 -1.10 -27.30 22.28
N ASP B 200 -2.09 -28.20 22.20
CA ASP B 200 -2.28 -28.99 20.95
C ASP B 200 -2.58 -28.03 19.79
N GLU B 201 -3.36 -26.97 20.04
N GLU B 201 -3.32 -26.94 20.01
CA GLU B 201 -3.69 -25.91 19.04
CA GLU B 201 -3.66 -25.98 18.92
C GLU B 201 -2.39 -25.25 18.57
C GLU B 201 -2.40 -25.17 18.54
N ASN B 202 -1.58 -24.76 19.52
CA ASN B 202 -0.26 -24.14 19.25
C ASN B 202 0.55 -25.09 18.36
N LYS B 203 0.70 -26.37 18.76
N LYS B 203 0.73 -26.36 18.78
CA LYS B 203 1.52 -27.40 18.05
CA LYS B 203 1.49 -27.41 18.04
C LYS B 203 1.01 -27.58 16.61
C LYS B 203 1.01 -27.51 16.60
N ARG B 204 -0.31 -27.66 16.42
CA ARG B 204 -0.97 -27.83 15.10
C ARG B 204 -0.71 -26.60 14.21
N GLN B 205 -0.93 -25.40 14.74
CA GLN B 205 -0.72 -24.12 14.01
C GLN B 205 0.75 -24.01 13.57
N PHE B 206 1.68 -24.40 14.44
CA PHE B 206 3.14 -24.35 14.18
C PHE B 206 3.47 -25.27 13.00
N GLN B 207 2.93 -26.49 12.97
CA GLN B 207 3.20 -27.45 11.86
C GLN B 207 2.64 -26.90 10.55
N GLU B 208 1.48 -26.24 10.60
CA GLU B 208 0.83 -25.55 9.46
C GLU B 208 1.77 -24.42 9.00
N ASP B 209 2.31 -23.65 9.96
CA ASP B 209 3.16 -22.46 9.64
C ASP B 209 4.48 -22.92 8.98
N ILE B 210 5.06 -24.02 9.48
CA ILE B 210 6.31 -24.63 8.93
C ILE B 210 6.01 -25.07 7.49
N LYS B 211 4.89 -25.74 7.28
CA LYS B 211 4.50 -26.26 5.94
C LYS B 211 4.41 -25.07 4.96
N VAL B 212 3.80 -23.97 5.36
CA VAL B 212 3.57 -22.78 4.51
C VAL B 212 4.94 -22.21 4.05
N MET B 213 5.85 -22.01 5.01
CA MET B 213 7.17 -21.40 4.69
C MET B 213 7.92 -22.30 3.70
N ASN B 214 7.94 -23.60 3.96
CA ASN B 214 8.67 -24.62 3.15
C ASN B 214 8.09 -24.64 1.74
N ASP B 215 6.77 -24.77 1.63
CA ASP B 215 6.04 -24.78 0.33
C ASP B 215 6.38 -23.50 -0.45
N LEU B 216 6.25 -22.30 0.12
CA LEU B 216 6.45 -21.03 -0.63
C LEU B 216 7.93 -20.86 -1.03
N VAL B 217 8.88 -21.19 -0.15
CA VAL B 217 10.31 -20.99 -0.49
C VAL B 217 10.73 -22.09 -1.48
N ASP B 218 10.26 -23.33 -1.28
CA ASP B 218 10.62 -24.44 -2.19
C ASP B 218 10.21 -24.03 -3.61
N LYS B 219 9.10 -23.30 -3.73
CA LYS B 219 8.55 -22.88 -5.03
C LYS B 219 9.42 -21.75 -5.62
N ILE B 220 9.85 -20.81 -4.79
N ILE B 220 9.86 -20.79 -4.80
CA ILE B 220 10.79 -19.72 -5.21
CA ILE B 220 10.82 -19.74 -5.23
C ILE B 220 12.07 -20.37 -5.75
C ILE B 220 12.04 -20.44 -5.85
N ILE B 221 12.54 -21.42 -5.07
N ILE B 221 12.59 -21.45 -5.17
CA ILE B 221 13.74 -22.22 -5.50
CA ILE B 221 13.84 -22.13 -5.64
C ILE B 221 13.44 -22.86 -6.87
C ILE B 221 13.49 -22.92 -6.93
N ALA B 222 12.40 -23.70 -6.92
CA ALA B 222 11.99 -24.47 -8.12
C ALA B 222 11.83 -23.52 -9.34
N ASP B 223 11.13 -22.40 -9.17
CA ASP B 223 10.89 -21.37 -10.23
C ASP B 223 12.21 -20.80 -10.75
N ARG B 224 13.17 -20.53 -9.86
CA ARG B 224 14.45 -19.92 -10.27
C ARG B 224 15.25 -20.93 -11.11
N LYS B 225 15.26 -22.19 -10.70
CA LYS B 225 15.98 -23.24 -11.47
C LYS B 225 15.30 -23.43 -12.85
N ALA B 226 13.98 -23.42 -12.88
CA ALA B 226 13.19 -23.60 -14.13
C ALA B 226 13.39 -22.42 -15.08
N SER B 227 13.76 -21.21 -14.61
CA SER B 227 13.87 -20.02 -15.50
C SER B 227 15.28 -19.96 -16.11
N GLY B 228 16.32 -20.36 -15.39
CA GLY B 228 17.72 -20.17 -15.78
C GLY B 228 18.24 -18.74 -15.61
N GLU B 229 17.39 -17.84 -15.09
N GLU B 229 17.41 -17.81 -15.12
CA GLU B 229 17.74 -16.41 -14.85
CA GLU B 229 17.80 -16.37 -15.05
C GLU B 229 18.97 -16.38 -13.95
C GLU B 229 18.85 -16.20 -13.95
N GLN B 230 19.98 -15.57 -14.29
CA GLN B 230 21.14 -15.37 -13.40
C GLN B 230 21.06 -13.96 -12.82
N SER B 231 19.99 -13.68 -12.11
CA SER B 231 19.85 -12.46 -11.29
C SER B 231 21.05 -12.40 -10.33
N ASP B 232 21.63 -11.22 -10.11
CA ASP B 232 22.78 -11.05 -9.18
C ASP B 232 22.24 -10.95 -7.75
N ASP B 233 21.79 -12.08 -7.19
CA ASP B 233 21.17 -12.12 -5.83
C ASP B 233 21.71 -13.33 -5.07
N LEU B 234 21.39 -13.45 -3.79
CA LEU B 234 21.89 -14.56 -2.95
C LEU B 234 21.43 -15.91 -3.53
N LEU B 235 20.20 -15.98 -4.05
CA LEU B 235 19.67 -17.26 -4.57
C LEU B 235 20.52 -17.73 -5.76
N THR B 236 20.90 -16.82 -6.66
CA THR B 236 21.86 -17.17 -7.73
C THR B 236 23.20 -17.64 -7.13
N HIS B 237 23.74 -16.96 -6.12
CA HIS B 237 25.06 -17.32 -5.53
C HIS B 237 24.94 -18.74 -4.96
N MET B 238 23.81 -19.09 -4.37
CA MET B 238 23.62 -20.41 -3.71
C MET B 238 23.35 -21.49 -4.76
N LEU B 239 22.73 -21.15 -5.90
CA LEU B 239 22.48 -22.15 -6.95
C LEU B 239 23.78 -22.44 -7.72
N ASN B 240 24.71 -21.49 -7.81
CA ASN B 240 25.95 -21.57 -8.66
C ASN B 240 27.18 -21.91 -7.82
N GLY B 241 27.17 -21.59 -6.52
CA GLY B 241 28.38 -21.56 -5.68
C GLY B 241 28.86 -22.96 -5.33
N LYS B 242 30.17 -23.13 -5.20
CA LYS B 242 30.76 -24.40 -4.70
C LYS B 242 31.69 -24.05 -3.55
N ASP B 243 31.58 -24.80 -2.46
CA ASP B 243 32.47 -24.65 -1.30
C ASP B 243 33.86 -25.02 -1.76
N PRO B 244 34.87 -24.14 -1.63
CA PRO B 244 36.24 -24.48 -2.02
C PRO B 244 36.82 -25.68 -1.24
N GLU B 245 36.42 -25.91 0.03
CA GLU B 245 36.92 -27.03 0.89
C GLU B 245 36.40 -28.39 0.37
N THR B 246 35.09 -28.68 0.47
CA THR B 246 34.48 -29.96 0.01
C THR B 246 34.37 -29.99 -1.54
N GLY B 247 34.40 -28.84 -2.23
CA GLY B 247 34.02 -28.69 -3.66
C GLY B 247 32.55 -28.91 -3.96
N GLU B 248 31.67 -28.99 -2.95
CA GLU B 248 30.24 -29.31 -3.09
C GLU B 248 29.41 -28.03 -3.04
N PRO B 249 28.31 -28.00 -3.80
CA PRO B 249 27.31 -26.96 -3.64
C PRO B 249 26.35 -27.27 -2.49
N LEU B 250 25.56 -26.29 -2.06
CA LEU B 250 24.44 -26.48 -1.14
C LEU B 250 23.34 -27.25 -1.87
N ASP B 251 22.61 -28.13 -1.20
CA ASP B 251 21.41 -28.75 -1.84
C ASP B 251 20.18 -27.84 -1.65
N ASP B 252 19.08 -28.17 -2.35
CA ASP B 252 17.87 -27.31 -2.40
C ASP B 252 17.29 -27.13 -0.99
N GLU B 253 17.30 -28.17 -0.16
CA GLU B 253 16.73 -28.09 1.21
C GLU B 253 17.54 -27.07 2.03
N ASN B 254 18.86 -27.13 1.95
CA ASN B 254 19.70 -26.19 2.74
C ASN B 254 19.50 -24.76 2.19
N ILE B 255 19.38 -24.59 0.88
CA ILE B 255 19.11 -23.22 0.30
C ILE B 255 17.80 -22.67 0.86
N ARG B 256 16.78 -23.52 0.98
CA ARG B 256 15.48 -23.11 1.57
C ARG B 256 15.72 -22.59 3.00
N TYR B 257 16.42 -23.36 3.82
CA TYR B 257 16.74 -22.91 5.21
C TYR B 257 17.51 -21.59 5.22
N GLN B 258 18.45 -21.37 4.28
CA GLN B 258 19.22 -20.09 4.23
C GLN B 258 18.26 -18.94 3.92
N ILE B 259 17.34 -19.09 2.97
N ILE B 259 17.38 -19.11 2.92
CA ILE B 259 16.38 -18.00 2.61
CA ILE B 259 16.30 -18.13 2.55
C ILE B 259 15.41 -17.76 3.78
C ILE B 259 15.47 -17.80 3.79
N ILE B 260 14.88 -18.80 4.45
CA ILE B 260 14.02 -18.57 5.65
C ILE B 260 14.83 -17.73 6.65
N THR B 261 16.11 -18.09 6.85
CA THR B 261 17.00 -17.45 7.85
C THR B 261 17.16 -15.97 7.47
N PHE B 262 17.41 -15.68 6.19
CA PHE B 262 17.65 -14.28 5.74
C PHE B 262 16.38 -13.45 5.91
N LEU B 263 15.23 -14.06 5.70
CA LEU B 263 13.93 -13.36 5.85
C LEU B 263 13.64 -13.10 7.32
N ILE B 264 13.99 -14.02 8.21
CA ILE B 264 13.90 -13.78 9.68
C ILE B 264 14.73 -12.56 10.01
N ALA B 265 16.00 -12.58 9.65
CA ALA B 265 16.95 -11.48 9.95
C ALA B 265 16.48 -10.15 9.36
N GLY B 266 16.04 -10.14 8.10
CA GLY B 266 15.62 -8.91 7.41
C GLY B 266 14.35 -8.28 7.99
N HIS B 267 13.49 -9.10 8.60
CA HIS B 267 12.23 -8.66 9.26
C HIS B 267 12.49 -8.17 10.69
N GLU B 268 13.30 -8.89 11.43
CA GLU B 268 13.41 -8.76 12.89
C GLU B 268 14.45 -7.68 13.25
N THR B 269 15.66 -7.74 12.69
CA THR B 269 16.84 -7.15 13.36
C THR B 269 17.10 -5.76 12.87
N THR B 270 17.30 -5.57 11.57
CA THR B 270 17.73 -4.28 11.01
C THR B 270 16.60 -3.28 11.26
N SER B 271 15.33 -3.70 11.18
CA SER B 271 14.21 -2.75 11.36
C SER B 271 14.24 -2.21 12.80
N GLY B 272 14.58 -3.04 13.78
CA GLY B 272 14.78 -2.61 15.17
C GLY B 272 15.88 -1.59 15.29
N LEU B 273 17.03 -1.85 14.70
CA LEU B 273 18.16 -0.89 14.74
C LEU B 273 17.69 0.50 14.23
N LEU B 274 17.04 0.53 13.07
CA LEU B 274 16.60 1.82 12.50
C LEU B 274 15.61 2.47 13.47
N SER B 275 14.70 1.68 14.04
CA SER B 275 13.66 2.23 14.96
C SER B 275 14.31 2.82 16.20
N PHE B 276 15.24 2.11 16.85
CA PHE B 276 15.99 2.65 18.00
C PHE B 276 16.82 3.87 17.60
N ALA B 277 17.46 3.86 16.43
CA ALA B 277 18.30 4.99 15.97
C ALA B 277 17.42 6.24 15.86
N LEU B 278 16.26 6.14 15.20
CA LEU B 278 15.36 7.31 15.09
C LEU B 278 14.88 7.76 16.49
N TYR B 279 14.55 6.81 17.36
CA TYR B 279 14.12 7.10 18.75
C TYR B 279 15.19 7.96 19.43
N PHE B 280 16.42 7.49 19.44
CA PHE B 280 17.51 8.23 20.11
C PHE B 280 17.72 9.61 19.47
N LEU B 281 17.62 9.71 18.14
CA LEU B 281 17.83 11.00 17.46
C LEU B 281 16.73 11.98 17.90
N VAL B 282 15.46 11.59 17.94
CA VAL B 282 14.41 12.60 18.27
C VAL B 282 14.51 12.94 19.75
N LYS B 283 15.06 12.06 20.60
CA LYS B 283 15.23 12.33 22.03
C LYS B 283 16.49 13.17 22.30
N ASN B 284 17.37 13.37 21.33
CA ASN B 284 18.70 14.05 21.47
C ASN B 284 18.84 15.01 20.30
N PRO B 285 18.08 16.12 20.31
CA PRO B 285 18.03 17.04 19.17
C PRO B 285 19.39 17.54 18.70
N HIS B 286 20.38 17.73 19.59
CA HIS B 286 21.71 18.23 19.13
C HIS B 286 22.41 17.11 18.33
N VAL B 287 22.18 15.85 18.68
CA VAL B 287 22.76 14.70 17.92
C VAL B 287 22.09 14.65 16.54
N LEU B 288 20.77 14.74 16.49
CA LEU B 288 19.97 14.75 15.24
C LEU B 288 20.47 15.88 14.34
N GLN B 289 20.67 17.08 14.89
CA GLN B 289 21.17 18.24 14.12
C GLN B 289 22.55 17.92 13.50
N LYS B 290 23.47 17.32 14.25
CA LYS B 290 24.83 16.97 13.77
C LYS B 290 24.72 15.91 12.66
N ALA B 291 23.90 14.87 12.85
CA ALA B 291 23.64 13.84 11.81
C ALA B 291 22.99 14.46 10.56
N ALA B 292 21.99 15.33 10.72
CA ALA B 292 21.32 16.03 9.59
C ALA B 292 22.33 16.89 8.82
N GLU B 293 23.27 17.53 9.51
CA GLU B 293 24.28 18.38 8.84
C GLU B 293 25.20 17.50 7.99
N GLU B 294 25.56 16.32 8.49
CA GLU B 294 26.43 15.41 7.70
C GLU B 294 25.63 14.92 6.51
N ALA B 295 24.36 14.54 6.70
CA ALA B 295 23.56 14.05 5.54
C ALA B 295 23.53 15.11 4.42
N ALA B 296 23.26 16.37 4.77
CA ALA B 296 23.13 17.51 3.81
C ALA B 296 24.47 17.74 3.10
N ARG B 297 25.59 17.65 3.83
CA ARG B 297 26.94 17.87 3.24
C ARG B 297 27.32 16.72 2.29
N VAL B 298 27.00 15.47 2.63
CA VAL B 298 27.50 14.27 1.88
C VAL B 298 26.55 13.92 0.73
N LEU B 299 25.24 13.92 0.94
CA LEU B 299 24.28 13.37 -0.05
C LEU B 299 23.87 14.50 -1.02
N VAL B 300 24.79 14.89 -1.90
CA VAL B 300 24.68 16.06 -2.80
C VAL B 300 23.90 15.68 -4.06
N ASP B 301 23.57 14.39 -4.28
CA ASP B 301 22.88 13.92 -5.50
C ASP B 301 21.47 13.48 -5.18
N PRO B 302 20.57 13.42 -6.18
CA PRO B 302 19.20 12.97 -5.92
C PRO B 302 19.09 11.59 -5.26
N VAL B 303 19.92 10.67 -5.77
N VAL B 303 19.96 10.67 -5.61
CA VAL B 303 20.17 9.27 -5.33
CA VAL B 303 19.92 9.30 -5.02
C VAL B 303 21.47 9.24 -4.52
C VAL B 303 21.34 8.89 -4.65
N PRO B 304 21.59 8.57 -3.36
CA PRO B 304 22.92 8.34 -2.81
C PRO B 304 23.65 7.25 -3.60
N SER B 305 24.95 7.46 -3.79
CA SER B 305 25.91 6.45 -4.33
C SER B 305 26.42 5.58 -3.17
N TYR B 306 26.91 4.40 -3.49
CA TYR B 306 27.67 3.51 -2.58
C TYR B 306 28.73 4.32 -1.80
N LYS B 307 29.57 5.09 -2.48
N LYS B 307 29.57 5.10 -2.47
CA LYS B 307 30.69 5.84 -1.86
CA LYS B 307 30.70 5.78 -1.79
C LYS B 307 30.15 6.85 -0.84
C LYS B 307 30.17 6.88 -0.84
N GLN B 308 29.08 7.54 -1.18
CA GLN B 308 28.49 8.57 -0.28
C GLN B 308 28.02 7.91 1.03
N VAL B 309 27.41 6.73 0.95
CA VAL B 309 26.97 6.02 2.18
C VAL B 309 28.21 5.75 3.04
N LYS B 310 29.35 5.36 2.46
CA LYS B 310 30.58 5.10 3.24
C LYS B 310 31.09 6.40 3.91
N GLN B 311 30.73 7.56 3.35
N GLN B 311 30.76 7.59 3.39
CA GLN B 311 31.16 8.89 3.85
CA GLN B 311 31.26 8.86 4.01
C GLN B 311 30.31 9.35 5.05
C GLN B 311 30.22 9.46 4.97
N LEU B 312 29.15 8.73 5.28
CA LEU B 312 28.24 9.12 6.39
C LEU B 312 28.81 8.58 7.71
N LYS B 313 29.92 9.14 8.17
CA LYS B 313 30.68 8.59 9.30
C LYS B 313 29.87 8.78 10.58
N TYR B 314 29.31 9.98 10.79
CA TYR B 314 28.58 10.26 12.05
C TYR B 314 27.31 9.43 12.07
N VAL B 315 26.67 9.27 10.93
CA VAL B 315 25.47 8.40 10.86
C VAL B 315 25.87 6.96 11.27
N GLY B 316 27.04 6.49 10.83
CA GLY B 316 27.54 5.16 11.27
C GLY B 316 27.74 5.10 12.78
N MET B 317 28.25 6.18 13.35
N MET B 317 28.22 6.19 13.38
CA MET B 317 28.47 6.28 14.82
CA MET B 317 28.46 6.29 14.84
C MET B 317 27.11 6.26 15.52
C MET B 317 27.12 6.34 15.59
N VAL B 318 26.13 7.02 15.01
CA VAL B 318 24.75 6.99 15.57
C VAL B 318 24.27 5.54 15.61
N LEU B 319 24.44 4.81 14.53
CA LEU B 319 23.95 3.43 14.48
C LEU B 319 24.70 2.56 15.50
N ASN B 320 25.99 2.77 15.68
CA ASN B 320 26.79 2.00 16.67
C ASN B 320 26.33 2.32 18.09
N GLU B 321 25.93 3.56 18.36
CA GLU B 321 25.48 3.95 19.71
C GLU B 321 24.09 3.37 19.96
N ALA B 322 23.26 3.26 18.93
CA ALA B 322 21.94 2.62 19.09
C ALA B 322 22.18 1.14 19.35
N LEU B 323 23.12 0.49 18.63
CA LEU B 323 23.44 -0.93 18.89
C LEU B 323 24.02 -1.08 20.29
N ARG B 324 24.71 -0.06 20.82
CA ARG B 324 25.30 -0.21 22.16
C ARG B 324 24.15 -0.31 23.17
N LEU B 325 23.25 0.67 23.17
CA LEU B 325 22.18 0.73 24.18
C LEU B 325 21.13 -0.35 23.97
N TRP B 326 20.68 -0.64 22.74
CA TRP B 326 19.62 -1.63 22.52
C TRP B 326 20.00 -2.49 21.34
N PRO B 327 20.98 -3.40 21.55
CA PRO B 327 21.35 -4.37 20.52
C PRO B 327 20.13 -5.25 20.23
N THR B 328 19.64 -5.24 18.99
CA THR B 328 18.30 -5.77 18.64
C THR B 328 18.31 -7.30 18.62
N ALA B 329 19.46 -7.96 18.56
CA ALA B 329 19.54 -9.42 18.80
C ALA B 329 20.32 -9.60 20.10
N PRO B 330 19.65 -9.54 21.27
CA PRO B 330 20.34 -9.16 22.51
C PRO B 330 21.08 -10.23 23.29
N ALA B 331 21.21 -11.45 22.77
CA ALA B 331 21.85 -12.54 23.51
C ALA B 331 22.40 -13.56 22.52
N PHE B 332 23.45 -14.24 22.94
CA PHE B 332 23.90 -15.47 22.27
C PHE B 332 24.44 -16.41 23.35
N SER B 333 24.53 -17.67 22.97
CA SER B 333 24.80 -18.81 23.86
C SER B 333 26.10 -19.48 23.45
N LEU B 334 26.85 -19.99 24.42
CA LEU B 334 28.16 -20.66 24.21
C LEU B 334 28.24 -21.90 25.07
N TYR B 335 29.04 -22.88 24.63
CA TYR B 335 29.33 -24.07 25.49
C TYR B 335 30.84 -24.21 25.59
N ALA B 336 31.28 -24.75 26.73
CA ALA B 336 32.70 -24.95 27.02
C ALA B 336 33.15 -26.17 26.21
N LYS B 337 34.19 -26.00 25.41
CA LYS B 337 34.73 -27.12 24.60
C LYS B 337 35.43 -28.16 25.50
N GLU B 338 36.04 -27.73 26.59
CA GLU B 338 36.84 -28.56 27.53
C GLU B 338 36.65 -27.96 28.94
N ASP B 339 36.94 -28.72 29.98
CA ASP B 339 37.03 -28.14 31.34
C ASP B 339 37.89 -26.88 31.31
N THR B 340 37.47 -25.83 31.99
CA THR B 340 38.23 -24.56 31.99
C THR B 340 37.78 -23.73 33.19
N VAL B 341 38.51 -22.67 33.48
CA VAL B 341 38.18 -21.78 34.61
C VAL B 341 37.96 -20.41 34.01
N LEU B 342 36.78 -19.85 34.25
CA LEU B 342 36.39 -18.54 33.70
C LEU B 342 36.81 -17.48 34.71
N GLY B 343 37.64 -16.53 34.27
CA GLY B 343 38.05 -15.32 35.00
C GLY B 343 38.83 -15.65 36.27
N GLY B 344 39.52 -16.79 36.27
CA GLY B 344 40.30 -17.27 37.42
C GLY B 344 39.43 -17.61 38.61
N GLU B 345 38.10 -17.71 38.44
CA GLU B 345 37.17 -17.71 39.58
C GLU B 345 36.11 -18.79 39.45
N TYR B 346 35.61 -19.10 38.24
CA TYR B 346 34.41 -19.96 38.05
C TYR B 346 34.81 -21.18 37.23
N PRO B 347 35.04 -22.33 37.87
CA PRO B 347 35.44 -23.54 37.16
C PRO B 347 34.25 -24.05 36.34
N LEU B 348 34.49 -24.45 35.10
CA LEU B 348 33.42 -24.96 34.23
C LEU B 348 33.81 -26.34 33.72
N GLU B 349 32.84 -27.19 33.53
CA GLU B 349 33.02 -28.52 32.91
C GLU B 349 32.75 -28.40 31.42
N LYS B 350 33.44 -29.22 30.64
CA LYS B 350 33.13 -29.46 29.22
C LYS B 350 31.63 -29.59 29.08
N GLY B 351 31.02 -28.88 28.14
CA GLY B 351 29.56 -28.96 27.92
C GLY B 351 28.81 -27.83 28.61
N ASP B 352 29.40 -27.20 29.63
CA ASP B 352 28.72 -26.14 30.43
C ASP B 352 28.38 -24.94 29.52
N GLU B 353 27.19 -24.41 29.72
N GLU B 353 27.18 -24.43 29.73
CA GLU B 353 26.60 -23.36 28.86
CA GLU B 353 26.59 -23.36 28.90
C GLU B 353 26.69 -21.98 29.53
C GLU B 353 26.83 -21.98 29.54
N LEU B 354 26.88 -20.97 28.68
CA LEU B 354 26.94 -19.53 29.04
C LEU B 354 25.96 -18.83 28.13
N MET B 355 25.32 -17.79 28.66
CA MET B 355 24.50 -16.85 27.89
C MET B 355 25.19 -15.48 28.02
N VAL B 356 25.37 -14.79 26.88
CA VAL B 356 25.93 -13.42 26.85
C VAL B 356 24.76 -12.45 26.77
N LEU B 357 24.59 -11.63 27.82
CA LEU B 357 23.54 -10.58 27.85
C LEU B 357 24.11 -9.28 27.25
N ILE B 358 23.91 -9.10 25.94
CA ILE B 358 24.66 -8.04 25.21
C ILE B 358 24.28 -6.66 25.78
N PRO B 359 23.01 -6.34 26.05
CA PRO B 359 22.69 -4.98 26.51
C PRO B 359 23.39 -4.65 27.83
N GLN B 360 23.59 -5.65 28.69
CA GLN B 360 24.32 -5.42 29.95
C GLN B 360 25.83 -5.27 29.71
N LEU B 361 26.47 -6.13 28.92
CA LEU B 361 27.86 -5.92 28.45
C LEU B 361 28.05 -4.45 28.08
N HIS B 362 27.15 -3.90 27.31
CA HIS B 362 27.29 -2.59 26.67
C HIS B 362 27.03 -1.48 27.70
N ARG B 363 26.67 -1.83 28.93
CA ARG B 363 26.50 -0.90 30.07
C ARG B 363 27.62 -1.07 31.10
N ASP B 364 28.67 -1.80 30.76
CA ASP B 364 29.82 -2.03 31.68
C ASP B 364 30.54 -0.70 31.90
N LYS B 365 30.39 -0.09 33.08
CA LYS B 365 30.97 1.25 33.32
C LYS B 365 32.50 1.21 33.33
N THR B 366 33.13 0.04 33.51
CA THR B 366 34.61 -0.07 33.51
C THR B 366 35.07 0.20 32.08
N ILE B 367 34.18 0.00 31.11
CA ILE B 367 34.54 0.21 29.69
C ILE B 367 34.10 1.60 29.27
N TRP B 368 32.86 1.96 29.53
CA TRP B 368 32.20 3.10 28.86
C TRP B 368 32.29 4.36 29.72
N GLY B 369 32.55 4.21 31.02
CA GLY B 369 32.60 5.34 31.95
C GLY B 369 31.22 5.58 32.55
N ASP B 370 31.07 6.69 33.29
CA ASP B 370 29.85 6.92 34.11
C ASP B 370 28.63 7.32 33.24
N ASP B 371 28.83 7.94 32.06
CA ASP B 371 27.71 8.40 31.18
C ASP B 371 27.12 7.23 30.34
N VAL B 372 27.16 5.99 30.85
N VAL B 372 27.05 6.02 30.89
CA VAL B 372 26.77 4.74 30.11
CA VAL B 372 26.80 4.76 30.11
C VAL B 372 25.37 4.85 29.49
C VAL B 372 25.34 4.69 29.61
N GLU B 373 24.42 5.44 30.22
CA GLU B 373 23.00 5.46 29.76
C GLU B 373 22.78 6.62 28.77
N GLU B 374 23.73 7.53 28.62
N GLU B 374 23.76 7.49 28.57
CA GLU B 374 23.61 8.65 27.65
CA GLU B 374 23.61 8.67 27.69
C GLU B 374 23.76 8.11 26.23
C GLU B 374 23.88 8.24 26.23
N PHE B 375 23.06 8.74 25.30
CA PHE B 375 23.21 8.50 23.86
C PHE B 375 24.28 9.47 23.34
N ARG B 376 25.48 9.00 23.07
CA ARG B 376 26.62 9.87 22.71
C ARG B 376 27.43 9.16 21.64
N PRO B 377 27.10 9.37 20.35
CA PRO B 377 27.78 8.65 19.27
C PRO B 377 29.29 8.92 19.19
N GLU B 378 29.71 10.08 19.71
CA GLU B 378 31.13 10.51 19.75
C GLU B 378 31.97 9.45 20.49
N ARG B 379 31.36 8.59 21.31
CA ARG B 379 32.16 7.58 22.05
C ARG B 379 32.71 6.56 21.04
N PHE B 380 32.26 6.60 19.78
CA PHE B 380 32.76 5.71 18.72
C PHE B 380 33.77 6.43 17.82
N GLU B 381 34.21 7.64 18.17
CA GLU B 381 35.14 8.40 17.31
C GLU B 381 36.50 7.70 17.15
N ASN B 382 36.99 7.01 18.16
CA ASN B 382 38.33 6.35 18.15
C ASN B 382 38.15 4.90 18.55
N PRO B 383 37.63 4.03 17.66
CA PRO B 383 37.22 2.69 18.07
C PRO B 383 38.40 1.79 18.50
N SER B 384 39.64 2.15 18.16
CA SER B 384 40.84 1.37 18.59
C SER B 384 40.99 1.47 20.11
N ALA B 385 40.41 2.49 20.74
CA ALA B 385 40.46 2.70 22.21
C ALA B 385 39.52 1.70 22.91
N ILE B 386 38.63 1.02 22.19
CA ILE B 386 37.69 0.08 22.87
C ILE B 386 38.37 -1.26 23.15
N PRO B 387 38.39 -1.74 24.42
CA PRO B 387 39.01 -3.03 24.73
C PRO B 387 38.34 -4.16 23.95
N GLN B 388 39.06 -5.28 23.84
CA GLN B 388 38.59 -6.46 23.09
C GLN B 388 37.25 -6.94 23.65
N HIS B 389 36.31 -7.28 22.77
CA HIS B 389 35.04 -7.95 23.11
C HIS B 389 34.20 -7.04 24.03
N ALA B 390 34.34 -5.73 23.95
CA ALA B 390 33.48 -4.82 24.74
C ALA B 390 32.15 -4.56 24.04
N PHE B 391 32.12 -4.70 22.72
CA PHE B 391 31.02 -4.21 21.83
C PHE B 391 30.67 -5.33 20.86
N LYS B 392 29.60 -6.07 21.13
CA LYS B 392 29.34 -7.34 20.44
C LYS B 392 27.93 -7.41 19.88
N PRO B 393 27.39 -6.35 19.24
CA PRO B 393 26.02 -6.44 18.74
C PRO B 393 25.82 -7.46 17.60
N PHE B 394 26.91 -7.98 17.02
CA PHE B 394 26.83 -8.96 15.89
C PHE B 394 27.45 -10.28 16.30
N GLY B 395 27.54 -10.56 17.60
CA GLY B 395 28.03 -11.85 18.09
C GLY B 395 29.53 -11.95 17.96
N ASN B 396 30.03 -13.16 17.80
CA ASN B 396 31.46 -13.40 18.03
C ASN B 396 32.05 -14.34 16.99
N GLY B 397 33.25 -13.99 16.52
CA GLY B 397 34.17 -14.92 15.86
C GLY B 397 33.59 -15.47 14.58
N GLN B 398 33.89 -16.72 14.25
CA GLN B 398 33.42 -17.28 12.96
C GLN B 398 31.87 -17.41 12.98
N ARG B 399 31.23 -17.39 14.15
CA ARG B 399 29.75 -17.45 14.30
C ARG B 399 29.14 -16.04 14.46
N ALA B 400 29.87 -15.01 14.12
CA ALA B 400 29.32 -13.63 14.12
C ALA B 400 28.36 -13.47 12.94
N CYS B 401 27.51 -12.47 13.03
CA CYS B 401 26.52 -12.15 11.97
C CYS B 401 27.15 -12.07 10.58
N ILE B 402 26.69 -12.88 9.63
CA ILE B 402 27.19 -12.79 8.23
C ILE B 402 26.56 -11.54 7.58
N GLY B 403 25.46 -11.05 8.14
CA GLY B 403 24.67 -9.95 7.59
C GLY B 403 25.15 -8.57 8.01
N GLN B 404 26.25 -8.49 8.78
CA GLN B 404 26.62 -7.23 9.47
C GLN B 404 26.80 -6.10 8.44
N GLN B 405 27.51 -6.37 7.33
N GLN B 405 27.55 -6.37 7.36
CA GLN B 405 27.85 -5.30 6.35
CA GLN B 405 27.88 -5.35 6.33
C GLN B 405 26.58 -4.93 5.59
C GLN B 405 26.59 -4.93 5.63
N PHE B 406 25.73 -5.91 5.33
CA PHE B 406 24.44 -5.66 4.67
C PHE B 406 23.59 -4.74 5.56
N ALA B 407 23.44 -5.13 6.83
CA ALA B 407 22.55 -4.44 7.79
C ALA B 407 23.00 -2.98 7.93
N LEU B 408 24.28 -2.75 8.09
CA LEU B 408 24.84 -1.41 8.33
C LEU B 408 24.80 -0.59 7.04
N HIS B 409 25.07 -1.19 5.89
CA HIS B 409 24.94 -0.40 4.64
C HIS B 409 23.49 0.08 4.46
N GLU B 410 22.50 -0.82 4.56
CA GLU B 410 21.06 -0.48 4.41
C GLU B 410 20.70 0.60 5.42
N ALA B 411 21.06 0.40 6.67
CA ALA B 411 20.66 1.33 7.74
C ALA B 411 21.34 2.69 7.53
N THR B 412 22.59 2.72 7.10
CA THR B 412 23.30 4.00 6.90
C THR B 412 22.59 4.75 5.76
N LEU B 413 22.33 4.05 4.66
CA LEU B 413 21.66 4.61 3.43
C LEU B 413 20.33 5.24 3.81
N VAL B 414 19.50 4.44 4.49
N VAL B 414 19.43 4.51 4.47
CA VAL B 414 18.10 4.79 4.84
CA VAL B 414 18.04 5.03 4.67
C VAL B 414 18.14 6.00 5.76
C VAL B 414 18.05 6.02 5.83
N LEU B 415 18.93 5.91 6.83
CA LEU B 415 18.99 6.98 7.86
C LEU B 415 19.54 8.26 7.25
N GLY B 416 20.55 8.14 6.38
CA GLY B 416 21.08 9.29 5.65
C GLY B 416 19.99 9.97 4.85
N MET B 417 19.21 9.21 4.09
CA MET B 417 18.14 9.81 3.27
C MET B 417 17.05 10.40 4.16
N MET B 418 16.65 9.72 5.24
CA MET B 418 15.66 10.28 6.21
C MET B 418 16.13 11.64 6.76
N LEU B 419 17.39 11.75 7.14
CA LEU B 419 17.96 13.01 7.72
C LEU B 419 18.13 14.10 6.67
N LYS B 420 18.41 13.73 5.43
CA LYS B 420 18.46 14.70 4.30
C LYS B 420 17.06 15.26 4.01
N HIS B 421 16.01 14.43 3.98
CA HIS B 421 14.73 14.81 3.33
C HIS B 421 13.73 15.42 4.31
N PHE B 422 13.88 15.21 5.63
CA PHE B 422 12.86 15.54 6.64
C PHE B 422 13.47 16.10 7.94
N ASP B 423 12.71 17.00 8.55
CA ASP B 423 12.81 17.30 9.99
C ASP B 423 11.83 16.38 10.73
N PHE B 424 12.14 16.05 11.97
CA PHE B 424 11.32 15.08 12.73
C PHE B 424 10.75 15.72 13.97
N GLU B 425 9.55 15.32 14.38
CA GLU B 425 8.94 15.81 15.63
C GLU B 425 8.55 14.61 16.49
N ASP B 426 8.94 14.61 17.76
CA ASP B 426 8.44 13.64 18.77
C ASP B 426 7.11 14.20 19.32
N HIS B 427 6.07 14.17 18.51
CA HIS B 427 4.82 14.93 18.77
C HIS B 427 4.03 14.34 19.96
N THR B 428 4.24 13.07 20.32
CA THR B 428 3.56 12.47 21.49
C THR B 428 4.43 12.47 22.77
N ASN B 429 5.68 12.91 22.74
CA ASN B 429 6.59 12.74 23.89
C ASN B 429 6.67 11.24 24.21
N TYR B 430 7.01 10.44 23.21
CA TYR B 430 6.90 8.97 23.24
C TYR B 430 7.67 8.41 24.44
N GLU B 431 7.04 7.52 25.21
CA GLU B 431 7.66 6.83 26.36
C GLU B 431 8.10 5.46 25.86
N LEU B 432 9.40 5.23 25.85
CA LEU B 432 9.97 3.98 25.30
C LEU B 432 9.29 2.77 25.96
N ASP B 433 8.84 1.84 25.13
CA ASP B 433 8.18 0.59 25.50
C ASP B 433 8.75 -0.46 24.54
N ILE B 434 9.60 -1.33 25.06
CA ILE B 434 10.36 -2.26 24.21
C ILE B 434 9.62 -3.57 24.17
N LYS B 435 9.14 -3.92 22.99
CA LYS B 435 8.48 -5.21 22.75
C LYS B 435 9.56 -6.22 22.39
N GLU B 436 9.42 -7.42 22.89
CA GLU B 436 10.37 -8.53 22.66
C GLU B 436 9.69 -9.66 21.89
N THR B 437 10.28 -10.02 20.80
CA THR B 437 9.99 -11.23 19.97
C THR B 437 11.30 -12.01 20.03
N LEU B 438 11.79 -12.47 18.89
CA LEU B 438 13.22 -12.82 18.69
C LEU B 438 14.09 -11.58 18.97
N THR B 439 13.62 -10.37 18.62
N THR B 439 13.59 -10.40 18.59
CA THR B 439 14.43 -9.14 18.74
CA THR B 439 14.33 -9.10 18.57
C THR B 439 13.70 -8.10 19.57
C THR B 439 13.70 -8.11 19.55
N LEU B 440 14.33 -6.94 19.72
CA LEU B 440 13.77 -5.81 20.49
C LEU B 440 13.28 -4.75 19.51
N LYS B 441 12.11 -4.16 19.76
CA LYS B 441 11.60 -2.99 18.96
C LYS B 441 10.92 -2.01 19.90
N PRO B 442 10.98 -0.69 19.61
CA PRO B 442 10.20 0.30 20.33
C PRO B 442 8.74 0.34 19.90
N GLU B 443 7.88 -0.33 20.66
CA GLU B 443 6.45 -0.50 20.31
C GLU B 443 5.72 0.85 20.41
N GLY B 444 4.93 1.16 19.39
CA GLY B 444 4.07 2.36 19.38
C GLY B 444 4.85 3.63 19.15
N PHE B 445 6.15 3.54 18.83
CA PHE B 445 6.99 4.71 18.51
C PHE B 445 6.44 5.37 17.22
N VAL B 446 6.01 6.62 17.36
CA VAL B 446 5.40 7.43 16.29
C VAL B 446 6.10 8.78 16.27
N VAL B 447 6.29 9.33 15.08
CA VAL B 447 6.85 10.67 14.85
C VAL B 447 6.02 11.36 13.77
N LYS B 448 6.20 12.67 13.65
CA LYS B 448 5.81 13.46 12.45
C LYS B 448 7.06 13.89 11.72
N ALA B 449 6.97 13.87 10.40
CA ALA B 449 8.03 14.25 9.47
C ALA B 449 7.55 15.47 8.69
N LYS B 450 8.37 16.51 8.68
CA LYS B 450 8.11 17.75 7.92
C LYS B 450 9.09 17.75 6.77
N SER B 451 8.62 17.70 5.53
CA SER B 451 9.49 17.63 4.33
C SER B 451 10.40 18.83 4.29
N LYS B 452 11.66 18.63 3.96
CA LYS B 452 12.57 19.76 3.61
C LYS B 452 12.35 20.13 2.14
N LYS B 453 11.46 19.42 1.44
CA LYS B 453 11.05 19.69 0.04
C LYS B 453 12.28 19.57 -0.86
N ILE B 454 13.09 18.53 -0.68
CA ILE B 454 14.30 18.34 -1.54
C ILE B 454 13.97 17.23 -2.53
N PRO B 455 13.93 17.49 -3.85
CA PRO B 455 13.49 16.48 -4.80
C PRO B 455 14.40 15.25 -4.84
N LEU B 456 13.79 14.13 -5.18
CA LEU B 456 14.42 12.92 -5.78
C LEU B 456 14.40 13.09 -7.31
#